data_4JEV
#
_entry.id   4JEV
#
_cell.length_a   96.660
_cell.length_b   111.860
_cell.length_c   65.170
_cell.angle_alpha   90.00
_cell.angle_beta   90.00
_cell.angle_gamma   90.00
#
_symmetry.space_group_name_H-M   'P 21 21 2'
#
loop_
_entity.id
_entity.type
_entity.pdbx_description
1 polymer 'Acetylornithine/succinyldiaminopimelate aminotransferase'
2 non-polymer '3-[O-PHOSPHONOPYRIDOXYL]--AMINO-BENZOIC ACID'
3 non-polymer 'ACETATE ION'
4 non-polymer 'SODIUM ION'
5 water water
#
_entity_poly.entity_id   1
_entity_poly.type   'polypeptide(L)'
_entity_poly.pdbx_seq_one_letter_code
;MRGSHHHHHHGMASHMATEQTAITRATFDEVILPVYAPADFIPVKGKGSRVWDQQGKEYIDFAGGIAVTALGHCHPALVE
ALKSQGETLWHTSNVFTNEPALRLGRKLIDATFAERVLFMNSGTEANETAFKLARHYA(CSO)VRHSPFKTKIIAFHNAF
HGRSLFTVSVGGQPKYSDGFGPKPADIIHVPFNDLHAVKAVMDDHTCAVVVEPIQGEGGVQAATPEFLKGLRDLCDEHQA
LLVFDEVQCGMGRTGDLFAYMHYGVTPDILTSAKALGGGFPVSAMLTTQEIASAFHVGSHGSTYGGNPLACAVAGATFDI
INTPEVLQGIHTKRQQFVQHLQAIDEQFDIFSDIRGMGLLIGAELKPKYKGRARDFLYAGAEAGVMVLNAGADVMRFAPS
LVVEEADIHEGMQRFAQAVGKVVALE
;
_entity_poly.pdbx_strand_id   A,B
#
loop_
_chem_comp.id
_chem_comp.type
_chem_comp.name
_chem_comp.formula
ACT non-polymer 'ACETATE ION' 'C2 H3 O2 -1'
NA non-polymer 'SODIUM ION' 'Na 1'
PXG non-polymer '3-[O-PHOSPHONOPYRIDOXYL]--AMINO-BENZOIC ACID' 'C15 H17 N2 O7 P'
#
# COMPACT_ATOMS: atom_id res chain seq x y z
N ALA A 22 -7.68 -10.26 -27.70
CA ALA A 22 -7.28 -8.82 -27.75
C ALA A 22 -7.80 -8.07 -26.52
N ILE A 23 -6.96 -7.18 -26.00
CA ILE A 23 -7.28 -6.40 -24.81
C ILE A 23 -8.00 -5.11 -25.21
N THR A 24 -9.26 -5.00 -24.78
CA THR A 24 -10.10 -3.86 -25.10
C THR A 24 -10.69 -3.29 -23.83
N ARG A 25 -11.51 -2.24 -23.98
CA ARG A 25 -12.23 -1.66 -22.86
C ARG A 25 -13.26 -2.64 -22.27
N ALA A 26 -13.85 -3.47 -23.12
CA ALA A 26 -14.76 -4.53 -22.66
C ALA A 26 -14.05 -5.52 -21.72
N THR A 27 -12.76 -5.76 -21.98
CA THR A 27 -11.92 -6.62 -21.14
C THR A 27 -11.92 -6.19 -19.65
N PHE A 28 -11.96 -4.88 -19.39
CA PHE A 28 -12.02 -4.40 -18.02
C PHE A 28 -13.23 -4.96 -17.28
N ASP A 29 -14.39 -4.92 -17.96
CA ASP A 29 -15.65 -5.36 -17.36
C ASP A 29 -15.67 -6.84 -17.03
N GLU A 30 -14.84 -7.60 -17.75
CA GLU A 30 -14.73 -9.03 -17.55
C GLU A 30 -13.71 -9.39 -16.46
N VAL A 31 -12.90 -8.43 -16.03
CA VAL A 31 -11.69 -8.76 -15.26
C VAL A 31 -11.61 -8.07 -13.90
N ILE A 32 -11.88 -6.77 -13.86
CA ILE A 32 -11.71 -5.97 -12.64
C ILE A 32 -13.04 -5.75 -11.89
N LEU A 33 -12.97 -5.73 -10.55
CA LEU A 33 -14.13 -5.33 -9.75
C LEU A 33 -14.71 -4.01 -10.31
N PRO A 34 -16.06 -3.91 -10.38
CA PRO A 34 -16.71 -2.74 -10.99
C PRO A 34 -16.67 -1.50 -10.09
N VAL A 35 -15.49 -1.14 -9.61
CA VAL A 35 -15.32 0.01 -8.72
C VAL A 35 -14.84 1.24 -9.49
N TYR A 36 -14.42 1.01 -10.73
CA TYR A 36 -14.00 2.09 -11.64
C TYR A 36 -14.84 2.04 -12.90
N ALA A 37 -15.00 3.19 -13.55
CA ALA A 37 -15.53 3.28 -14.91
C ALA A 37 -14.44 3.93 -15.79
N PRO A 38 -13.45 3.13 -16.23
CA PRO A 38 -12.32 3.69 -16.98
C PRO A 38 -12.73 4.24 -18.33
N ALA A 39 -11.91 5.13 -18.88
CA ALA A 39 -12.11 5.66 -20.23
C ALA A 39 -12.14 4.55 -21.28
N ASP A 40 -12.76 4.84 -22.42
CA ASP A 40 -12.88 3.84 -23.49
C ASP A 40 -11.56 3.53 -24.17
N PHE A 41 -10.57 4.39 -23.97
CA PHE A 41 -9.22 4.15 -24.46
C PHE A 41 -8.26 3.72 -23.36
N ILE A 42 -7.19 3.05 -23.75
CA ILE A 42 -6.23 2.44 -22.84
C ILE A 42 -4.82 2.97 -23.15
N PRO A 43 -4.29 3.87 -22.29
CA PRO A 43 -2.90 4.32 -22.43
C PRO A 43 -1.92 3.15 -22.31
N VAL A 44 -0.95 3.13 -23.22
CA VAL A 44 0.00 2.03 -23.29
C VAL A 44 1.44 2.54 -23.18
N LYS A 45 1.65 3.83 -23.41
CA LYS A 45 3.00 4.40 -23.40
C LYS A 45 2.94 5.86 -22.98
N GLY A 46 3.93 6.31 -22.23
CA GLY A 46 4.03 7.73 -21.88
C GLY A 46 5.47 8.18 -21.97
N LYS A 47 5.68 9.43 -22.38
CA LYS A 47 7.00 10.03 -22.35
C LYS A 47 6.80 11.51 -22.05
N GLY A 48 7.39 11.97 -20.93
CA GLY A 48 7.16 13.34 -20.47
C GLY A 48 5.69 13.53 -20.21
N SER A 49 5.10 14.56 -20.79
CA SER A 49 3.68 14.85 -20.60
C SER A 49 2.81 14.45 -21.81
N ARG A 50 3.32 13.52 -22.61
CA ARG A 50 2.51 12.93 -23.69
C ARG A 50 2.30 11.43 -23.49
N VAL A 51 1.11 10.99 -23.87
CA VAL A 51 0.65 9.63 -23.63
C VAL A 51 0.02 9.13 -24.95
N TRP A 52 0.16 7.83 -25.23
CA TRP A 52 -0.43 7.20 -26.42
C TRP A 52 -1.26 6.05 -26.01
N ASP A 53 -2.43 5.90 -26.64
CA ASP A 53 -3.27 4.73 -26.38
C ASP A 53 -2.99 3.61 -27.38
N GLN A 54 -3.84 2.58 -27.36
CA GLN A 54 -3.65 1.38 -28.22
C GLN A 54 -3.86 1.65 -29.70
N GLN A 55 -4.64 2.69 -30.01
CA GLN A 55 -4.91 3.08 -31.39
C GLN A 55 -3.85 4.04 -31.90
N GLY A 56 -2.87 4.35 -31.04
CA GLY A 56 -1.81 5.29 -31.34
C GLY A 56 -2.17 6.76 -31.21
N LYS A 57 -3.36 7.04 -30.68
CA LYS A 57 -3.78 8.42 -30.45
CA LYS A 57 -3.80 8.42 -30.44
C LYS A 57 -2.90 9.06 -29.38
N GLU A 58 -2.49 10.30 -29.64
CA GLU A 58 -1.57 11.06 -28.78
CA GLU A 58 -1.59 11.01 -28.74
C GLU A 58 -2.36 12.01 -27.87
N TYR A 59 -2.06 12.00 -26.57
CA TYR A 59 -2.71 12.90 -25.61
C TYR A 59 -1.69 13.76 -24.90
N ILE A 60 -2.08 15.00 -24.58
CA ILE A 60 -1.32 15.83 -23.64
C ILE A 60 -1.86 15.52 -22.24
N ASP A 61 -0.96 15.20 -21.32
CA ASP A 61 -1.38 14.77 -19.99
C ASP A 61 -1.37 15.91 -18.96
N PHE A 62 -2.54 16.44 -18.65
CA PHE A 62 -2.67 17.45 -17.60
C PHE A 62 -3.26 16.81 -16.32
N ALA A 63 -3.40 15.49 -16.31
CA ALA A 63 -3.95 14.77 -15.14
C ALA A 63 -2.87 14.19 -14.23
N GLY A 64 -1.76 13.79 -14.83
CA GLY A 64 -0.67 13.22 -14.07
C GLY A 64 -1.06 11.97 -13.28
N GLY A 65 -2.08 11.25 -13.76
CA GLY A 65 -2.59 10.07 -13.03
C GLY A 65 -3.14 10.46 -11.65
N ILE A 66 -3.79 11.62 -11.61
CA ILE A 66 -4.23 12.30 -10.39
C ILE A 66 -3.06 12.81 -9.52
N ALA A 67 -2.26 13.68 -10.13
CA ALA A 67 -1.17 14.38 -9.44
C ALA A 67 -0.05 13.46 -8.95
N VAL A 68 0.16 12.35 -9.65
CA VAL A 68 1.16 11.36 -9.24
C VAL A 68 2.43 11.48 -10.07
N THR A 69 2.30 11.56 -11.38
CA THR A 69 3.48 11.63 -12.21
C THR A 69 3.98 13.07 -12.29
N ALA A 70 4.52 13.51 -11.15
CA ALA A 70 5.04 14.86 -10.95
C ALA A 70 6.27 15.20 -11.79
N LEU A 71 6.94 14.19 -12.34
CA LEU A 71 8.02 14.41 -13.30
C LEU A 71 7.71 13.83 -14.67
N GLY A 72 6.42 13.60 -14.91
CA GLY A 72 5.95 13.08 -16.19
C GLY A 72 6.25 11.60 -16.29
N HIS A 73 6.09 11.04 -17.49
CA HIS A 73 6.24 9.61 -17.67
C HIS A 73 7.64 9.27 -18.03
N CYS A 74 8.14 8.19 -17.43
CA CYS A 74 9.46 7.66 -17.76
C CYS A 74 10.56 8.73 -17.82
N HIS A 75 10.62 9.55 -16.77
CA HIS A 75 11.65 10.58 -16.68
C HIS A 75 12.97 9.86 -16.61
N PRO A 76 13.98 10.31 -17.41
CA PRO A 76 15.27 9.58 -17.48
C PRO A 76 15.93 9.32 -16.14
N ALA A 77 15.86 10.28 -15.21
CA ALA A 77 16.50 10.11 -13.90
C ALA A 77 15.80 9.04 -13.06
N LEU A 78 14.47 8.98 -13.18
CA LEU A 78 13.69 8.01 -12.45
C LEU A 78 13.83 6.62 -13.04
N VAL A 79 13.88 6.53 -14.37
CA VAL A 79 14.12 5.25 -15.03
C VAL A 79 15.51 4.73 -14.64
N GLU A 80 16.49 5.64 -14.62
CA GLU A 80 17.85 5.29 -14.24
C GLU A 80 17.87 4.71 -12.83
N ALA A 81 17.21 5.39 -11.89
CA ALA A 81 17.21 4.93 -10.50
C ALA A 81 16.50 3.59 -10.34
N LEU A 82 15.39 3.44 -11.05
CA LEU A 82 14.65 2.19 -11.07
C LEU A 82 15.52 1.03 -11.55
N LYS A 83 16.20 1.22 -12.68
CA LYS A 83 17.07 0.19 -13.24
C LYS A 83 18.30 -0.12 -12.39
N SER A 84 18.95 0.92 -11.86
CA SER A 84 20.17 0.71 -11.07
CA SER A 84 20.17 0.74 -11.06
C SER A 84 19.87 -0.02 -9.76
N GLN A 85 18.88 0.44 -8.99
CA GLN A 85 18.50 -0.30 -7.79
C GLN A 85 17.86 -1.65 -8.14
N GLY A 86 17.19 -1.70 -9.29
CA GLY A 86 16.46 -2.90 -9.72
C GLY A 86 17.40 -4.05 -10.03
N GLU A 87 18.65 -3.72 -10.37
CA GLU A 87 19.65 -4.75 -10.62
C GLU A 87 20.51 -5.05 -9.39
N THR A 88 20.21 -4.38 -8.27
CA THR A 88 20.99 -4.48 -7.03
C THR A 88 20.25 -5.20 -5.89
N LEU A 89 19.08 -4.67 -5.51
CA LEU A 89 18.33 -5.17 -4.36
C LEU A 89 16.97 -4.51 -4.36
N TRP A 90 15.90 -5.30 -4.30
CA TRP A 90 14.55 -4.74 -4.22
C TRP A 90 13.98 -4.72 -2.84
N HIS A 91 14.19 -5.81 -2.10
CA HIS A 91 13.43 -6.06 -0.88
C HIS A 91 14.18 -6.93 0.08
N THR A 92 14.28 -6.50 1.32
CA THR A 92 14.86 -7.37 2.35
C THR A 92 14.00 -7.52 3.60
N SER A 93 12.91 -6.73 3.66
CA SER A 93 12.01 -6.65 4.82
C SER A 93 12.59 -5.77 5.91
N ASN A 94 11.70 -5.29 6.76
CA ASN A 94 12.13 -4.40 7.81
C ASN A 94 12.75 -5.09 9.03
N VAL A 95 13.08 -6.38 8.85
CA VAL A 95 14.01 -7.07 9.75
C VAL A 95 15.37 -6.39 9.58
N PHE A 96 15.56 -5.74 8.42
CA PHE A 96 16.79 -4.99 8.12
C PHE A 96 16.45 -3.57 7.74
N THR A 97 17.37 -2.66 7.96
CA THR A 97 17.28 -1.36 7.28
C THR A 97 17.99 -1.49 5.91
N ASN A 98 18.01 -0.41 5.11
CA ASN A 98 18.67 -0.44 3.80
C ASN A 98 19.14 0.97 3.44
N GLU A 99 20.16 1.06 2.60
CA GLU A 99 20.78 2.36 2.32
C GLU A 99 19.83 3.35 1.67
N PRO A 100 19.05 2.90 0.66
CA PRO A 100 18.16 3.90 0.02
C PRO A 100 17.12 4.51 0.97
N ALA A 101 16.56 3.70 1.86
CA ALA A 101 15.57 4.19 2.85
C ALA A 101 16.22 5.23 3.76
N LEU A 102 17.44 4.95 4.22
CA LEU A 102 18.11 5.90 5.14
C LEU A 102 18.56 7.16 4.41
N ARG A 103 19.01 6.99 3.16
CA ARG A 103 19.39 8.13 2.31
C ARG A 103 18.19 9.08 2.11
N LEU A 104 17.05 8.49 1.77
CA LEU A 104 15.83 9.25 1.51
C LEU A 104 15.31 9.88 2.80
N GLY A 105 15.34 9.10 3.89
CA GLY A 105 14.93 9.61 5.20
C GLY A 105 15.74 10.84 5.57
N ARG A 106 17.07 10.76 5.38
CA ARG A 106 17.95 11.88 5.70
C ARG A 106 17.59 13.12 4.88
N LYS A 107 17.28 12.92 3.61
CA LYS A 107 16.87 14.01 2.74
C LYS A 107 15.59 14.68 3.21
N LEU A 108 14.60 13.89 3.56
CA LEU A 108 13.33 14.45 4.07
C LEU A 108 13.52 15.20 5.40
N ILE A 109 14.32 14.62 6.28
CA ILE A 109 14.62 15.23 7.58
C ILE A 109 15.35 16.57 7.41
N ASP A 110 16.31 16.60 6.50
CA ASP A 110 17.09 17.82 6.29
C ASP A 110 16.25 18.96 5.72
N ALA A 111 15.25 18.61 4.90
CA ALA A 111 14.50 19.57 4.13
C ALA A 111 13.22 20.06 4.82
N THR A 112 12.82 19.38 5.91
CA THR A 112 11.51 19.66 6.50
C THR A 112 11.63 19.72 8.00
N PHE A 113 10.49 19.96 8.65
CA PHE A 113 10.40 19.92 10.11
C PHE A 113 10.66 18.52 10.66
N ALA A 114 10.60 17.49 9.82
CA ALA A 114 10.70 16.09 10.29
C ALA A 114 12.04 15.78 10.95
N GLU A 115 11.98 14.89 11.93
CA GLU A 115 13.17 14.34 12.58
C GLU A 115 13.20 12.84 12.40
N ARG A 116 12.02 12.24 12.15
CA ARG A 116 11.92 10.80 11.88
C ARG A 116 10.84 10.55 10.83
N VAL A 117 10.98 9.44 10.11
CA VAL A 117 10.02 9.10 9.05
C VAL A 117 9.70 7.61 9.06
N LEU A 118 8.59 7.25 8.43
CA LEU A 118 8.30 5.84 8.14
C LEU A 118 7.80 5.79 6.72
N PHE A 119 8.31 4.82 5.96
CA PHE A 119 7.88 4.65 4.58
C PHE A 119 6.82 3.55 4.48
N MET A 120 5.82 3.82 3.65
CA MET A 120 4.75 2.87 3.39
C MET A 120 4.53 2.82 1.88
N ASN A 121 3.39 2.28 1.44
CA ASN A 121 3.19 2.00 0.00
C ASN A 121 2.12 2.77 -0.70
N SER A 122 1.31 3.51 0.05
CA SER A 122 0.22 4.32 -0.50
C SER A 122 -0.08 5.48 0.43
N GLY A 123 -0.80 6.48 -0.08
CA GLY A 123 -1.30 7.57 0.76
C GLY A 123 -2.18 7.05 1.91
N THR A 124 -3.07 6.12 1.59
CA THR A 124 -3.93 5.49 2.58
C THR A 124 -3.09 4.91 3.73
N GLU A 125 -2.03 4.18 3.38
CA GLU A 125 -1.16 3.60 4.40
C GLU A 125 -0.41 4.64 5.22
N ALA A 126 0.04 5.72 4.57
CA ALA A 126 0.72 6.78 5.31
C ALA A 126 -0.24 7.44 6.31
N ASN A 127 -1.47 7.68 5.87
CA ASN A 127 -2.49 8.22 6.77
C ASN A 127 -2.87 7.29 7.90
N GLU A 128 -3.01 6.00 7.60
CA GLU A 128 -3.21 5.01 8.65
C GLU A 128 -2.11 5.13 9.70
N THR A 129 -0.87 5.23 9.26
CA THR A 129 0.25 5.34 10.18
C THR A 129 0.13 6.65 11.00
N ALA A 130 -0.16 7.75 10.33
CA ALA A 130 -0.30 9.04 11.03
C ALA A 130 -1.42 9.01 12.05
N PHE A 131 -2.55 8.45 11.67
CA PHE A 131 -3.72 8.46 12.56
C PHE A 131 -3.51 7.51 13.75
N LYS A 132 -2.94 6.33 13.50
CA LYS A 132 -2.61 5.43 14.60
C LYS A 132 -1.58 6.06 15.53
N LEU A 133 -0.59 6.74 14.96
CA LEU A 133 0.44 7.41 15.78
C LEU A 133 -0.16 8.51 16.64
N ALA A 134 -1.03 9.35 16.08
CA ALA A 134 -1.68 10.42 16.86
C ALA A 134 -2.49 9.82 18.01
N ARG A 135 -3.22 8.73 17.71
CA ARG A 135 -3.99 8.03 18.73
C ARG A 135 -3.06 7.47 19.81
N HIS A 136 -1.99 6.81 19.37
CA HIS A 136 -1.13 6.08 20.31
C HIS A 136 -0.35 7.04 21.17
N TYR A 137 0.15 8.11 20.55
CA TYR A 137 0.82 9.18 21.27
C TYR A 137 -0.11 9.73 22.36
N ALA A 138 -1.37 9.98 22.02
CA ALA A 138 -2.27 10.47 23.07
C ALA A 138 -2.44 9.48 24.22
N CSO A 139 -2.60 8.20 23.88
CA CSO A 139 -2.82 7.11 24.86
CB CSO A 139 -2.98 5.79 24.09
SG CSO A 139 -3.56 4.41 25.05
C CSO A 139 -1.67 7.06 25.81
O CSO A 139 -1.88 7.03 27.02
OD CSO A 139 -2.04 3.66 25.61
N VAL A 140 -0.45 7.04 25.28
CA VAL A 140 0.71 6.82 26.15
C VAL A 140 1.22 8.08 26.82
N ARG A 141 1.03 9.23 26.18
CA ARG A 141 1.55 10.49 26.75
C ARG A 141 0.53 11.25 27.57
N HIS A 142 -0.75 10.90 27.42
CA HIS A 142 -1.79 11.68 28.10
C HIS A 142 -2.81 10.83 28.80
N SER A 143 -3.60 10.10 28.03
CA SER A 143 -4.72 9.35 28.58
C SER A 143 -5.30 8.40 27.54
N PRO A 144 -5.69 7.17 27.95
CA PRO A 144 -6.36 6.30 26.97
C PRO A 144 -7.71 6.85 26.49
N PHE A 145 -8.24 7.84 27.20
CA PHE A 145 -9.53 8.46 26.84
C PHE A 145 -9.40 9.64 25.87
N LYS A 146 -8.16 10.06 25.59
CA LYS A 146 -7.91 11.19 24.68
C LYS A 146 -7.91 10.65 23.24
N THR A 147 -9.10 10.52 22.67
CA THR A 147 -9.29 9.78 21.41
C THR A 147 -9.96 10.59 20.28
N LYS A 148 -10.52 11.75 20.58
CA LYS A 148 -11.26 12.48 19.52
C LYS A 148 -10.34 12.94 18.38
N ILE A 149 -10.77 12.67 17.15
CA ILE A 149 -10.10 13.17 15.95
C ILE A 149 -11.07 14.13 15.26
N ILE A 150 -10.61 15.35 15.02
CA ILE A 150 -11.40 16.33 14.28
C ILE A 150 -10.93 16.33 12.83
N ALA A 151 -11.90 16.21 11.92
CA ALA A 151 -11.63 16.26 10.48
C ALA A 151 -12.70 17.08 9.78
N PHE A 152 -12.61 17.21 8.47
CA PHE A 152 -13.41 18.19 7.75
C PHE A 152 -14.30 17.59 6.69
N HIS A 153 -15.49 18.17 6.55
CA HIS A 153 -16.43 17.79 5.50
C HIS A 153 -15.72 17.86 4.19
N ASN A 154 -15.98 16.88 3.33
CA ASN A 154 -15.37 16.78 2.01
C ASN A 154 -13.92 16.34 1.98
N ALA A 155 -13.33 16.06 3.14
CA ALA A 155 -11.95 15.60 3.17
C ALA A 155 -11.83 14.25 2.50
N PHE A 156 -10.67 14.00 1.88
CA PHE A 156 -10.36 12.66 1.41
C PHE A 156 -9.01 12.23 1.95
N HIS A 157 -8.97 11.07 2.61
CA HIS A 157 -7.78 10.58 3.28
C HIS A 157 -7.46 9.16 2.93
N GLY A 158 -8.24 8.59 2.02
CA GLY A 158 -7.98 7.20 1.60
C GLY A 158 -9.18 6.30 1.70
N ARG A 159 -8.98 5.02 1.41
CA ARG A 159 -10.08 4.06 1.26
C ARG A 159 -10.16 2.95 2.29
N SER A 160 -9.20 2.90 3.22
CA SER A 160 -9.33 1.94 4.31
C SER A 160 -10.49 2.34 5.22
N LEU A 161 -10.98 1.41 6.03
CA LEU A 161 -12.15 1.73 6.83
C LEU A 161 -11.86 2.93 7.75
N PHE A 162 -10.68 2.96 8.34
CA PHE A 162 -10.31 4.04 9.26
C PHE A 162 -10.12 5.34 8.51
N THR A 163 -9.36 5.31 7.42
CA THR A 163 -9.09 6.57 6.72
C THR A 163 -10.31 7.14 6.02
N VAL A 164 -11.20 6.28 5.52
CA VAL A 164 -12.42 6.75 4.85
C VAL A 164 -13.41 7.29 5.88
N SER A 165 -13.28 6.82 7.12
CA SER A 165 -14.08 7.37 8.23
C SER A 165 -13.57 8.71 8.70
N VAL A 166 -12.25 8.91 8.65
CA VAL A 166 -11.70 10.24 8.88
C VAL A 166 -12.02 11.16 7.70
N GLY A 167 -12.04 10.60 6.48
CA GLY A 167 -12.53 11.32 5.29
C GLY A 167 -13.93 11.88 5.55
N GLY A 168 -14.30 12.94 4.84
CA GLY A 168 -15.52 13.70 5.14
C GLY A 168 -16.59 13.54 4.09
N GLN A 169 -16.65 12.38 3.47
CA GLN A 169 -17.69 12.08 2.47
C GLN A 169 -18.46 10.82 2.87
N PRO A 170 -19.61 10.99 3.55
CA PRO A 170 -20.34 9.83 4.05
C PRO A 170 -20.66 8.80 2.98
N LYS A 171 -20.79 9.23 1.72
CA LYS A 171 -21.10 8.30 0.62
C LYS A 171 -20.05 7.21 0.51
N TYR A 172 -18.81 7.53 0.89
CA TYR A 172 -17.70 6.60 0.80
C TYR A 172 -17.45 5.80 2.08
N SER A 173 -17.95 6.29 3.21
CA SER A 173 -17.77 5.58 4.48
C SER A 173 -18.98 4.78 4.94
N ASP A 174 -20.18 5.05 4.40
CA ASP A 174 -21.38 4.26 4.70
C ASP A 174 -21.30 2.89 4.10
N GLY A 175 -21.85 1.90 4.80
CA GLY A 175 -22.15 0.61 4.19
C GLY A 175 -21.10 -0.47 4.39
N PHE A 176 -20.16 -0.24 5.30
CA PHE A 176 -19.12 -1.23 5.59
C PHE A 176 -19.17 -1.75 7.01
N GLY A 177 -20.30 -1.57 7.68
CA GLY A 177 -20.38 -2.00 9.09
C GLY A 177 -19.75 -0.98 10.04
N PRO A 178 -19.58 -1.36 11.32
CA PRO A 178 -19.28 -0.35 12.34
C PRO A 178 -17.98 0.39 12.09
N LYS A 179 -18.07 1.71 12.01
CA LYS A 179 -16.93 2.56 11.73
C LYS A 179 -16.11 2.78 12.98
N PRO A 180 -14.78 2.92 12.84
CA PRO A 180 -14.00 3.32 14.03
C PRO A 180 -14.50 4.66 14.53
N ALA A 181 -14.75 4.71 15.84
CA ALA A 181 -15.49 5.81 16.48
C ALA A 181 -14.57 6.97 16.86
N ASP A 182 -15.16 8.01 17.41
CA ASP A 182 -14.43 9.19 17.92
C ASP A 182 -13.79 10.04 16.81
N ILE A 183 -14.54 10.20 15.74
CA ILE A 183 -14.14 11.10 14.64
C ILE A 183 -15.27 12.11 14.49
N ILE A 184 -14.93 13.40 14.53
CA ILE A 184 -15.89 14.50 14.43
C ILE A 184 -15.59 15.34 13.19
N HIS A 185 -16.61 15.58 12.38
CA HIS A 185 -16.44 16.41 11.19
C HIS A 185 -17.09 17.77 11.28
N VAL A 186 -16.33 18.78 10.89
CA VAL A 186 -16.85 20.16 10.82
C VAL A 186 -16.49 20.72 9.45
N PRO A 187 -17.02 21.92 9.08
CA PRO A 187 -16.72 22.44 7.74
C PRO A 187 -15.23 22.82 7.60
N PHE A 188 -14.65 22.51 6.45
CA PHE A 188 -13.30 23.01 6.09
C PHE A 188 -13.29 24.54 6.18
N ASN A 189 -12.18 25.08 6.68
CA ASN A 189 -12.02 26.53 6.89
C ASN A 189 -12.89 27.19 7.98
N ASP A 190 -13.61 26.39 8.77
CA ASP A 190 -14.45 26.93 9.86
C ASP A 190 -13.71 26.79 11.19
N LEU A 191 -12.95 27.82 11.54
CA LEU A 191 -12.11 27.78 12.72
C LEU A 191 -12.97 27.75 13.98
N HIS A 192 -14.06 28.53 13.98
CA HIS A 192 -14.97 28.52 15.14
C HIS A 192 -15.49 27.13 15.44
N ALA A 193 -15.84 26.39 14.40
CA ALA A 193 -16.39 25.04 14.60
C ALA A 193 -15.36 24.10 15.26
N VAL A 194 -14.10 24.25 14.86
CA VAL A 194 -13.02 23.43 15.45
C VAL A 194 -12.85 23.79 16.92
N LYS A 195 -12.79 25.09 17.22
CA LYS A 195 -12.66 25.55 18.62
C LYS A 195 -13.79 24.96 19.46
N ALA A 196 -15.00 24.92 18.89
CA ALA A 196 -16.18 24.43 19.59
C ALA A 196 -16.13 22.94 19.94
N VAL A 197 -15.56 22.12 19.05
CA VAL A 197 -15.52 20.67 19.29
C VAL A 197 -14.27 20.16 20.02
N MET A 198 -13.20 20.96 20.06
CA MET A 198 -11.95 20.48 20.65
C MET A 198 -11.94 20.62 22.16
N ASP A 199 -11.28 19.67 22.82
CA ASP A 199 -11.21 19.64 24.29
C ASP A 199 -10.01 18.79 24.71
N ASP A 200 -9.87 18.55 26.01
CA ASP A 200 -8.75 17.76 26.52
C ASP A 200 -8.81 16.29 26.11
N HIS A 201 -9.96 15.86 25.63
CA HIS A 201 -10.14 14.50 25.10
C HIS A 201 -9.86 14.38 23.62
N THR A 202 -9.30 15.44 23.02
CA THR A 202 -9.01 15.44 21.58
C THR A 202 -7.55 15.07 21.34
N CYS A 203 -7.31 14.12 20.42
CA CYS A 203 -5.95 13.68 20.13
C CYS A 203 -5.35 14.27 18.85
N ALA A 204 -6.21 14.72 17.95
CA ALA A 204 -5.72 15.15 16.63
C ALA A 204 -6.70 16.00 15.91
N VAL A 205 -6.16 16.87 15.05
CA VAL A 205 -6.93 17.56 14.01
C VAL A 205 -6.22 17.14 12.73
N VAL A 206 -7.01 16.55 11.84
CA VAL A 206 -6.48 16.07 10.54
C VAL A 206 -7.02 16.95 9.42
N VAL A 207 -6.12 17.46 8.59
CA VAL A 207 -6.55 18.43 7.57
C VAL A 207 -5.67 18.34 6.33
N GLU A 208 -6.30 18.46 5.15
CA GLU A 208 -5.58 18.71 3.91
C GLU A 208 -5.35 20.22 3.80
N PRO A 209 -4.09 20.67 3.70
CA PRO A 209 -3.88 22.11 3.48
C PRO A 209 -4.64 22.68 2.28
N ILE A 210 -4.75 21.88 1.21
CA ILE A 210 -5.67 22.18 0.12
C ILE A 210 -6.48 20.93 -0.09
N GLN A 211 -7.80 21.05 0.03
CA GLN A 211 -8.66 19.90 -0.25
C GLN A 211 -8.72 19.68 -1.75
N GLY A 212 -8.11 18.59 -2.19
CA GLY A 212 -7.96 18.33 -3.62
C GLY A 212 -9.24 17.80 -4.23
N GLU A 213 -9.65 16.63 -3.76
CA GLU A 213 -10.88 15.97 -4.19
C GLU A 213 -12.12 16.83 -3.88
N GLY A 214 -12.08 17.58 -2.77
CA GLY A 214 -13.19 18.46 -2.37
C GLY A 214 -13.28 19.84 -3.03
N GLY A 215 -13.14 19.89 -4.35
CA GLY A 215 -13.30 21.17 -5.08
C GLY A 215 -12.06 22.05 -5.21
N VAL A 216 -10.91 21.54 -4.81
CA VAL A 216 -9.65 22.31 -4.83
C VAL A 216 -9.81 23.57 -3.97
N GLN A 217 -10.10 23.36 -2.69
CA GLN A 217 -10.29 24.45 -1.75
C GLN A 217 -9.07 24.59 -0.85
N ALA A 218 -8.46 25.76 -0.88
CA ALA A 218 -7.27 26.00 -0.05
C ALA A 218 -7.65 26.49 1.33
N ALA A 219 -6.94 26.00 2.34
CA ALA A 219 -7.05 26.55 3.68
C ALA A 219 -6.74 28.06 3.68
N THR A 220 -7.46 28.83 4.49
CA THR A 220 -7.05 30.21 4.73
C THR A 220 -5.91 30.23 5.73
N PRO A 221 -5.05 31.26 5.68
CA PRO A 221 -3.98 31.39 6.67
C PRO A 221 -4.55 31.41 8.08
N GLU A 222 -5.64 32.14 8.30
CA GLU A 222 -6.19 32.28 9.64
C GLU A 222 -6.67 30.93 10.19
N PHE A 223 -7.26 30.11 9.32
CA PHE A 223 -7.75 28.81 9.69
C PHE A 223 -6.59 27.89 10.07
N LEU A 224 -5.57 27.82 9.22
CA LEU A 224 -4.46 26.92 9.49
C LEU A 224 -3.63 27.30 10.70
N LYS A 225 -3.31 28.59 10.82
CA LYS A 225 -2.60 29.09 12.01
C LYS A 225 -3.45 28.84 13.26
N GLY A 226 -4.77 28.94 13.10
CA GLY A 226 -5.70 28.70 14.20
C GLY A 226 -5.66 27.25 14.66
N LEU A 227 -5.61 26.33 13.70
CA LEU A 227 -5.54 24.90 14.04
C LEU A 227 -4.29 24.62 14.88
N ARG A 228 -3.18 25.26 14.51
CA ARG A 228 -1.92 25.11 15.25
C ARG A 228 -2.11 25.58 16.70
N ASP A 229 -2.69 26.76 16.88
CA ASP A 229 -2.93 27.29 18.22
C ASP A 229 -3.84 26.38 19.05
N LEU A 230 -4.91 25.86 18.44
CA LEU A 230 -5.86 25.00 19.18
C LEU A 230 -5.24 23.65 19.53
N CYS A 231 -4.48 23.09 18.61
CA CYS A 231 -3.74 21.86 18.92
C CYS A 231 -2.75 22.09 20.07
N ASP A 232 -2.09 23.25 20.08
CA ASP A 232 -1.18 23.54 21.18
C ASP A 232 -1.95 23.64 22.50
N GLU A 233 -3.08 24.36 22.49
CA GLU A 233 -3.90 24.56 23.69
C GLU A 233 -4.39 23.25 24.28
N HIS A 234 -4.86 22.35 23.41
CA HIS A 234 -5.49 21.09 23.86
C HIS A 234 -4.57 19.90 23.87
N GLN A 235 -3.29 20.13 23.62
CA GLN A 235 -2.30 19.04 23.56
C GLN A 235 -2.74 17.98 22.55
N ALA A 236 -3.23 18.44 21.40
CA ALA A 236 -3.60 17.55 20.29
C ALA A 236 -2.55 17.67 19.20
N LEU A 237 -2.47 16.67 18.33
CA LEU A 237 -1.50 16.71 17.24
C LEU A 237 -2.15 17.19 15.96
N LEU A 238 -1.50 18.14 15.30
CA LEU A 238 -1.95 18.67 14.03
C LEU A 238 -1.34 17.80 12.92
N VAL A 239 -2.20 17.15 12.17
CA VAL A 239 -1.81 16.20 11.12
C VAL A 239 -2.17 16.79 9.75
N PHE A 240 -1.16 17.08 8.94
CA PHE A 240 -1.39 17.54 7.58
C PHE A 240 -1.31 16.35 6.61
N ASP A 241 -2.42 16.11 5.92
CA ASP A 241 -2.42 15.17 4.81
C ASP A 241 -1.94 15.91 3.56
N GLU A 242 -0.65 15.74 3.21
CA GLU A 242 -0.11 16.32 1.99
C GLU A 242 0.14 15.27 0.91
N VAL A 243 -0.64 14.21 0.91
CA VAL A 243 -0.55 13.20 -0.14
C VAL A 243 -0.69 13.82 -1.52
N GLN A 244 -1.63 14.75 -1.67
CA GLN A 244 -1.86 15.38 -2.96
C GLN A 244 -1.11 16.70 -3.10
N CYS A 245 -1.09 17.49 -2.05
CA CYS A 245 -0.50 18.82 -2.17
C CYS A 245 0.99 18.88 -1.85
N GLY A 246 1.57 17.76 -1.42
CA GLY A 246 3.00 17.71 -1.09
C GLY A 246 3.94 17.45 -2.24
N MET A 247 5.23 17.33 -1.92
CA MET A 247 6.28 17.04 -2.88
C MET A 247 6.26 17.94 -4.12
N GLY A 248 6.25 19.24 -3.84
CA GLY A 248 6.39 20.26 -4.87
C GLY A 248 5.12 20.75 -5.55
N ARG A 249 3.99 20.06 -5.29
CA ARG A 249 2.76 20.36 -6.03
C ARG A 249 2.39 21.85 -5.99
N THR A 250 2.56 22.47 -4.82
CA THR A 250 2.17 23.87 -4.63
C THR A 250 3.25 24.87 -4.99
N GLY A 251 4.44 24.38 -5.35
CA GLY A 251 5.54 25.28 -5.68
C GLY A 251 6.48 25.53 -4.50
N ASP A 252 6.12 24.98 -3.34
CA ASP A 252 7.06 24.75 -2.25
C ASP A 252 7.16 23.24 -2.09
N LEU A 253 8.20 22.77 -1.41
CA LEU A 253 8.35 21.32 -1.28
C LEU A 253 7.09 20.72 -0.61
N PHE A 254 6.62 21.39 0.44
CA PHE A 254 5.34 21.04 1.03
C PHE A 254 4.51 22.29 1.26
N ALA A 255 3.19 22.12 1.17
CA ALA A 255 2.27 23.25 1.34
C ALA A 255 2.43 23.92 2.70
N TYR A 256 2.77 23.15 3.74
CA TYR A 256 2.93 23.76 5.05
C TYR A 256 3.98 24.87 5.02
N MET A 257 4.98 24.73 4.15
CA MET A 257 6.04 25.73 4.05
C MET A 257 5.53 27.03 3.47
N HIS A 258 4.61 26.93 2.51
CA HIS A 258 3.92 28.11 1.99
C HIS A 258 3.18 28.83 3.08
N TYR A 259 2.44 28.07 3.89
CA TYR A 259 1.62 28.66 4.92
C TYR A 259 2.41 29.12 6.13
N GLY A 260 3.60 28.56 6.33
CA GLY A 260 4.37 28.86 7.52
C GLY A 260 3.69 28.30 8.76
N VAL A 261 2.98 27.18 8.61
CA VAL A 261 2.37 26.53 9.78
C VAL A 261 2.95 25.12 9.86
N THR A 262 3.65 24.83 10.94
CA THR A 262 4.32 23.55 11.06
C THR A 262 3.43 22.52 11.75
N PRO A 263 3.10 21.42 11.05
CA PRO A 263 2.26 20.40 11.67
C PRO A 263 3.09 19.51 12.59
N ASP A 264 2.40 18.67 13.35
CA ASP A 264 3.09 17.67 14.16
C ASP A 264 3.43 16.40 13.36
N ILE A 265 2.52 16.01 12.48
CA ILE A 265 2.72 14.85 11.61
C ILE A 265 2.28 15.28 10.21
N LEU A 266 3.02 14.82 9.20
CA LEU A 266 2.72 15.08 7.79
C LEU A 266 2.78 13.80 6.99
N THR A 267 1.85 13.64 6.04
CA THR A 267 1.88 12.48 5.17
C THR A 267 2.14 12.90 3.73
N SER A 268 2.83 12.05 2.99
CA SER A 268 3.24 12.33 1.61
C SER A 268 3.10 11.05 0.83
N ALA A 269 2.66 11.16 -0.41
CA ALA A 269 2.63 10.03 -1.32
C ALA A 269 2.59 10.61 -2.73
N LYS A 270 1.91 9.93 -3.66
CA LYS A 270 1.72 10.41 -5.04
C LYS A 270 3.03 10.89 -5.68
N ALA A 271 3.26 12.19 -5.71
CA ALA A 271 4.47 12.74 -6.34
C ALA A 271 5.79 12.22 -5.76
N LEU A 272 5.79 11.82 -4.50
CA LEU A 272 7.00 11.33 -3.82
C LEU A 272 7.79 10.30 -4.62
N GLY A 273 7.09 9.39 -5.30
CA GLY A 273 7.73 8.36 -6.11
C GLY A 273 7.59 8.53 -7.61
N GLY A 274 7.08 9.68 -8.06
CA GLY A 274 6.83 9.94 -9.49
C GLY A 274 6.11 8.86 -10.30
N GLY A 275 5.34 8.03 -9.63
CA GLY A 275 4.63 6.90 -10.25
C GLY A 275 4.87 5.59 -9.55
N PHE A 276 5.98 5.49 -8.83
CA PHE A 276 6.28 4.28 -8.07
C PHE A 276 5.43 4.23 -6.80
N PRO A 277 4.86 3.06 -6.44
CA PRO A 277 4.05 3.05 -5.20
C PRO A 277 4.90 3.25 -3.94
N VAL A 278 4.84 4.44 -3.36
CA VAL A 278 5.63 4.80 -2.19
C VAL A 278 4.95 5.94 -1.43
N SER A 279 5.10 5.95 -0.12
CA SER A 279 4.56 7.02 0.70
C SER A 279 5.41 7.20 1.94
N ALA A 280 5.22 8.32 2.63
CA ALA A 280 5.98 8.60 3.86
C ALA A 280 5.11 9.29 4.89
N MET A 281 5.40 8.99 6.16
CA MET A 281 4.83 9.70 7.29
C MET A 281 6.00 10.38 8.00
N LEU A 282 5.88 11.69 8.20
CA LEU A 282 6.95 12.52 8.76
C LEU A 282 6.54 13.05 10.13
N THR A 283 7.44 13.02 11.10
CA THR A 283 7.13 13.58 12.43
C THR A 283 8.39 13.93 13.19
N THR A 284 8.22 14.38 14.44
CA THR A 284 9.34 14.71 15.33
C THR A 284 9.80 13.46 16.06
N GLN A 285 11.00 13.51 16.63
CA GLN A 285 11.48 12.42 17.44
C GLN A 285 10.57 12.21 18.66
N GLU A 286 10.12 13.30 19.30
N GLU A 286 10.11 13.32 19.28
CA GLU A 286 9.32 13.18 20.50
CA GLU A 286 9.29 13.25 20.50
C GLU A 286 8.06 12.36 20.23
C GLU A 286 7.95 12.56 20.32
N ILE A 287 7.39 12.69 19.12
CA ILE A 287 6.16 11.99 18.74
C ILE A 287 6.44 10.55 18.27
N ALA A 288 7.47 10.40 17.44
CA ALA A 288 7.87 9.09 16.91
C ALA A 288 8.13 8.12 18.05
N SER A 289 8.68 8.62 19.14
CA SER A 289 9.10 7.75 20.25
C SER A 289 7.91 7.13 20.99
N ALA A 290 6.68 7.61 20.72
CA ALA A 290 5.49 6.99 21.32
C ALA A 290 5.29 5.59 20.82
N PHE A 291 5.67 5.34 19.57
CA PHE A 291 5.65 4.00 19.02
C PHE A 291 6.74 3.16 19.68
N HIS A 292 6.44 1.89 19.93
CA HIS A 292 7.49 0.97 20.34
C HIS A 292 7.72 -0.05 19.24
N VAL A 293 8.73 -0.91 19.42
CA VAL A 293 8.99 -1.93 18.42
C VAL A 293 7.78 -2.84 18.33
N GLY A 294 7.24 -2.95 17.11
CA GLY A 294 6.08 -3.77 16.86
C GLY A 294 4.76 -3.02 16.90
N SER A 295 4.80 -1.71 17.17
CA SER A 295 3.59 -0.90 17.20
C SER A 295 2.92 -0.77 15.85
N HIS A 296 3.73 -0.80 14.79
CA HIS A 296 3.25 -0.70 13.42
C HIS A 296 4.27 -1.35 12.54
N GLY A 297 3.95 -1.52 11.26
CA GLY A 297 4.93 -2.09 10.36
C GLY A 297 4.36 -2.27 8.99
N SER A 298 5.14 -2.89 8.11
CA SER A 298 4.77 -3.09 6.72
C SER A 298 5.71 -4.10 6.10
N THR A 299 5.18 -4.99 5.25
CA THR A 299 6.06 -5.87 4.48
C THR A 299 6.90 -5.08 3.49
N TYR A 300 6.23 -4.31 2.61
CA TYR A 300 6.92 -3.64 1.50
C TYR A 300 7.42 -2.24 1.87
N GLY A 301 6.79 -1.62 2.86
CA GLY A 301 7.08 -0.20 3.16
C GLY A 301 8.56 0.02 3.43
N GLY A 302 9.15 0.95 2.69
CA GLY A 302 10.54 1.32 2.96
C GLY A 302 11.55 0.41 2.31
N ASN A 303 11.11 -0.35 1.30
CA ASN A 303 12.01 -1.21 0.53
C ASN A 303 13.01 -0.37 -0.29
N PRO A 304 14.20 -0.96 -0.56
CA PRO A 304 15.24 -0.15 -1.19
C PRO A 304 14.89 0.34 -2.60
N LEU A 305 14.11 -0.44 -3.34
CA LEU A 305 13.71 -0.02 -4.70
C LEU A 305 12.84 1.24 -4.71
N ALA A 306 11.74 1.22 -3.94
CA ALA A 306 10.87 2.38 -3.82
C ALA A 306 11.68 3.58 -3.34
N CYS A 307 12.56 3.38 -2.36
CA CYS A 307 13.29 4.50 -1.76
C CYS A 307 14.35 5.06 -2.72
N ALA A 308 14.94 4.20 -3.55
CA ALA A 308 15.87 4.69 -4.58
C ALA A 308 15.16 5.59 -5.58
N VAL A 309 13.96 5.17 -6.00
CA VAL A 309 13.18 5.92 -6.98
C VAL A 309 12.70 7.24 -6.36
N ALA A 310 12.18 7.17 -5.13
CA ALA A 310 11.73 8.39 -4.43
C ALA A 310 12.90 9.34 -4.16
N GLY A 311 14.08 8.78 -3.96
CA GLY A 311 15.28 9.58 -3.76
C GLY A 311 15.60 10.37 -5.01
N ALA A 312 15.53 9.70 -6.16
CA ALA A 312 15.81 10.39 -7.43
C ALA A 312 14.76 11.47 -7.72
N THR A 313 13.51 11.17 -7.39
CA THR A 313 12.41 12.12 -7.55
C THR A 313 12.62 13.37 -6.68
N PHE A 314 12.88 13.14 -5.40
CA PHE A 314 13.17 14.20 -4.44
C PHE A 314 14.32 15.10 -4.92
N ASP A 315 15.41 14.48 -5.39
CA ASP A 315 16.58 15.23 -5.84
C ASP A 315 16.26 16.18 -6.98
N ILE A 316 15.27 15.83 -7.79
CA ILE A 316 14.87 16.72 -8.88
C ILE A 316 13.87 17.78 -8.43
N ILE A 317 12.84 17.35 -7.71
CA ILE A 317 11.78 18.28 -7.32
C ILE A 317 12.34 19.33 -6.36
N ASN A 318 13.15 18.90 -5.40
CA ASN A 318 13.74 19.84 -4.46
C ASN A 318 14.93 20.64 -5.00
N THR A 319 14.69 21.40 -6.06
CA THR A 319 15.69 22.32 -6.61
C THR A 319 15.05 23.70 -6.80
N PRO A 320 15.82 24.79 -6.63
CA PRO A 320 15.21 26.12 -6.81
C PRO A 320 14.56 26.27 -8.17
N GLU A 321 15.22 25.74 -9.20
CA GLU A 321 14.76 25.87 -10.58
C GLU A 321 13.43 25.18 -10.84
N VAL A 322 13.29 23.94 -10.39
CA VAL A 322 12.03 23.22 -10.55
C VAL A 322 10.92 23.91 -9.76
N LEU A 323 11.20 24.28 -8.52
CA LEU A 323 10.18 24.93 -7.70
C LEU A 323 9.79 26.31 -8.29
N GLN A 324 10.76 27.08 -8.77
CA GLN A 324 10.43 28.37 -9.46
C GLN A 324 9.54 28.11 -10.67
N GLY A 325 9.92 27.10 -11.47
CA GLY A 325 9.20 26.70 -12.70
C GLY A 325 7.75 26.35 -12.49
N ILE A 326 7.44 25.74 -11.37
CA ILE A 326 6.06 25.37 -11.04
C ILE A 326 5.14 26.61 -11.06
N HIS A 327 5.66 27.72 -10.53
CA HIS A 327 4.91 28.99 -10.51
C HIS A 327 4.80 29.64 -11.86
N THR A 328 5.89 29.61 -12.64
CA THR A 328 5.85 30.12 -14.02
C THR A 328 4.76 29.36 -14.79
N LYS A 329 4.80 28.03 -14.68
CA LYS A 329 3.89 27.15 -15.38
C LYS A 329 2.45 27.35 -14.94
N ARG A 330 2.23 27.55 -13.63
CA ARG A 330 0.87 27.81 -13.16
C ARG A 330 0.29 29.00 -13.89
N GLN A 331 1.05 30.09 -13.95
CA GLN A 331 0.54 31.28 -14.62
C GLN A 331 0.28 31.05 -16.11
N GLN A 332 1.09 30.21 -16.76
CA GLN A 332 0.85 29.84 -18.15
C GLN A 332 -0.51 29.12 -18.29
N PHE A 333 -0.80 28.20 -17.37
CA PHE A 333 -2.12 27.54 -17.36
C PHE A 333 -3.26 28.51 -17.08
N VAL A 334 -3.09 29.30 -16.02
CA VAL A 334 -4.09 30.30 -15.62
C VAL A 334 -4.45 31.27 -16.76
N GLN A 335 -3.45 31.74 -17.49
CA GLN A 335 -3.70 32.64 -18.61
C GLN A 335 -4.56 31.98 -19.69
N HIS A 336 -4.31 30.69 -19.95
CA HIS A 336 -5.11 29.98 -20.96
C HIS A 336 -6.51 29.76 -20.50
N LEU A 337 -6.67 29.43 -19.22
CA LEU A 337 -8.00 29.23 -18.63
C LEU A 337 -8.79 30.53 -18.66
N GLN A 338 -8.11 31.65 -18.44
CA GLN A 338 -8.73 32.98 -18.58
C GLN A 338 -9.15 33.28 -20.02
N ALA A 339 -8.30 32.93 -20.99
CA ALA A 339 -8.62 33.10 -22.42
C ALA A 339 -9.83 32.24 -22.79
N ILE A 340 -9.88 31.02 -22.23
CA ILE A 340 -11.03 30.17 -22.46
C ILE A 340 -12.30 30.78 -21.87
N ASP A 341 -12.23 31.30 -20.65
CA ASP A 341 -13.42 31.94 -20.07
C ASP A 341 -13.86 33.17 -20.87
N GLU A 342 -12.90 33.95 -21.37
CA GLU A 342 -13.21 35.13 -22.20
C GLU A 342 -14.02 34.76 -23.44
N GLN A 343 -13.60 33.70 -24.11
CA GLN A 343 -14.26 33.20 -25.31
C GLN A 343 -15.60 32.53 -24.97
N PHE A 344 -15.62 31.72 -23.91
CA PHE A 344 -16.74 30.79 -23.70
C PHE A 344 -17.60 30.98 -22.46
N ASP A 345 -17.17 31.84 -21.55
CA ASP A 345 -17.96 32.21 -20.35
C ASP A 345 -18.32 30.95 -19.55
N ILE A 346 -17.31 30.16 -19.17
CA ILE A 346 -17.56 28.90 -18.45
C ILE A 346 -17.07 28.79 -17.01
N PHE A 347 -16.14 29.66 -16.59
CA PHE A 347 -15.53 29.54 -15.26
C PHE A 347 -15.86 30.70 -14.33
N SER A 348 -16.26 30.38 -13.10
CA SER A 348 -16.52 31.37 -12.06
C SER A 348 -15.29 31.64 -11.17
N ASP A 349 -14.30 30.75 -11.16
CA ASP A 349 -13.18 30.84 -10.24
C ASP A 349 -12.05 29.93 -10.68
N ILE A 350 -10.82 30.43 -10.62
CA ILE A 350 -9.62 29.63 -10.85
C ILE A 350 -8.79 29.69 -9.57
N ARG A 351 -8.55 28.53 -8.98
CA ARG A 351 -7.94 28.47 -7.65
C ARG A 351 -6.95 27.28 -7.52
N GLY A 352 -6.52 27.03 -6.29
CA GLY A 352 -5.46 26.05 -6.01
C GLY A 352 -4.13 26.75 -5.78
N MET A 353 -3.05 25.98 -5.81
CA MET A 353 -1.69 26.49 -5.61
C MET A 353 -0.75 25.74 -6.52
N GLY A 354 0.27 26.44 -6.99
CA GLY A 354 1.27 25.83 -7.88
C GLY A 354 0.60 25.08 -9.01
N LEU A 355 0.95 23.80 -9.19
CA LEU A 355 0.39 23.03 -10.30
C LEU A 355 -0.72 22.08 -9.84
N LEU A 356 -1.41 22.48 -8.78
CA LEU A 356 -2.76 21.97 -8.53
C LEU A 356 -3.73 23.09 -8.84
N ILE A 357 -4.46 22.94 -9.95
CA ILE A 357 -5.33 23.99 -10.44
C ILE A 357 -6.78 23.52 -10.48
N GLY A 358 -7.67 24.33 -9.93
CA GLY A 358 -9.11 24.03 -10.01
C GLY A 358 -9.80 25.17 -10.73
N ALA A 359 -10.66 24.84 -11.67
CA ALA A 359 -11.42 25.88 -12.36
C ALA A 359 -12.87 25.55 -12.14
N GLU A 360 -13.55 26.35 -11.31
CA GLU A 360 -14.96 26.07 -11.00
C GLU A 360 -15.85 26.54 -12.13
N LEU A 361 -16.85 25.72 -12.48
CA LEU A 361 -17.74 26.02 -13.58
C LEU A 361 -18.83 26.99 -13.13
N LYS A 362 -19.21 27.92 -14.01
CA LYS A 362 -20.31 28.85 -13.75
C LYS A 362 -21.64 28.10 -13.58
N PRO A 363 -22.66 28.74 -12.94
CA PRO A 363 -23.95 28.11 -12.66
C PRO A 363 -24.54 27.33 -13.85
N LYS A 364 -24.49 27.94 -15.03
CA LYS A 364 -25.00 27.34 -16.27
C LYS A 364 -24.39 25.96 -16.55
N TYR A 365 -23.15 25.73 -16.09
CA TYR A 365 -22.44 24.46 -16.30
C TYR A 365 -22.27 23.60 -15.04
N LYS A 366 -22.95 24.00 -13.97
CA LYS A 366 -22.92 23.24 -12.74
C LYS A 366 -23.21 21.76 -13.02
N GLY A 367 -22.41 20.89 -12.41
CA GLY A 367 -22.60 19.43 -12.47
C GLY A 367 -22.06 18.76 -13.71
N ARG A 368 -21.47 19.55 -14.60
CA ARG A 368 -21.08 19.02 -15.90
C ARG A 368 -19.58 18.93 -16.12
N ALA A 369 -18.82 18.93 -15.03
CA ALA A 369 -17.37 18.76 -15.12
C ALA A 369 -16.98 17.50 -15.90
N ARG A 370 -17.73 16.40 -15.70
CA ARG A 370 -17.41 15.16 -16.40
C ARG A 370 -17.58 15.32 -17.93
N ASP A 371 -18.54 16.15 -18.36
CA ASP A 371 -18.76 16.40 -19.79
C ASP A 371 -17.52 17.01 -20.45
N PHE A 372 -16.92 17.96 -19.74
CA PHE A 372 -15.74 18.65 -20.24
C PHE A 372 -14.51 17.75 -20.20
N LEU A 373 -14.46 16.87 -19.20
CA LEU A 373 -13.38 15.89 -19.08
C LEU A 373 -13.40 14.94 -20.27
N TYR A 374 -14.60 14.44 -20.60
CA TYR A 374 -14.78 13.52 -21.74
C TYR A 374 -14.51 14.21 -23.08
N ALA A 375 -15.04 15.43 -23.24
CA ALA A 375 -14.72 16.22 -24.42
C ALA A 375 -13.21 16.45 -24.53
N GLY A 376 -12.57 16.74 -23.40
CA GLY A 376 -11.11 16.89 -23.36
C GLY A 376 -10.40 15.67 -23.96
N ALA A 377 -10.75 14.49 -23.45
CA ALA A 377 -10.14 13.24 -23.91
C ALA A 377 -10.33 13.05 -25.43
N GLU A 378 -11.54 13.30 -25.92
CA GLU A 378 -11.81 13.23 -27.37
C GLU A 378 -10.87 14.15 -28.15
N ALA A 379 -10.62 15.33 -27.58
CA ALA A 379 -9.78 16.36 -28.19
C ALA A 379 -8.28 16.11 -27.97
N GLY A 380 -7.93 15.02 -27.29
CA GLY A 380 -6.52 14.68 -27.06
C GLY A 380 -5.83 15.31 -25.87
N VAL A 381 -6.59 15.65 -24.84
CA VAL A 381 -6.01 16.19 -23.61
C VAL A 381 -6.65 15.51 -22.40
N MET A 382 -5.81 15.06 -21.49
CA MET A 382 -6.27 14.43 -20.26
C MET A 382 -6.36 15.46 -19.13
N VAL A 383 -7.56 15.63 -18.58
CA VAL A 383 -7.77 16.54 -17.45
C VAL A 383 -8.52 15.78 -16.33
N LEU A 384 -8.75 16.45 -15.21
CA LEU A 384 -9.45 15.83 -14.07
C LEU A 384 -10.69 16.63 -13.68
N ASN A 385 -11.47 16.07 -12.76
CA ASN A 385 -12.49 16.82 -12.05
C ASN A 385 -12.13 16.90 -10.57
N ALA A 386 -12.84 17.74 -9.82
CA ALA A 386 -12.69 17.79 -8.37
C ALA A 386 -14.11 17.99 -7.84
N GLY A 387 -14.89 16.92 -7.92
CA GLY A 387 -16.34 17.01 -7.79
C GLY A 387 -16.95 17.46 -9.11
N ALA A 388 -18.28 17.39 -9.19
CA ALA A 388 -19.00 17.63 -10.45
C ALA A 388 -18.98 19.08 -10.97
N ASP A 389 -18.51 20.04 -10.17
CA ASP A 389 -18.54 21.44 -10.58
C ASP A 389 -17.18 22.02 -10.93
N VAL A 390 -16.10 21.23 -10.80
CA VAL A 390 -14.75 21.78 -10.86
C VAL A 390 -13.87 20.95 -11.81
N MET A 391 -13.23 21.66 -12.74
CA MET A 391 -12.17 21.06 -13.55
C MET A 391 -10.83 21.14 -12.78
N ARG A 392 -10.07 20.04 -12.78
CA ARG A 392 -8.80 20.00 -12.05
C ARG A 392 -7.65 19.67 -13.00
N PHE A 393 -6.53 20.36 -12.82
CA PHE A 393 -5.32 20.11 -13.60
C PHE A 393 -4.19 19.82 -12.63
N ALA A 394 -3.46 18.72 -12.87
CA ALA A 394 -2.36 18.35 -12.00
C ALA A 394 -1.23 17.75 -12.84
N PRO A 395 -0.67 18.56 -13.74
CA PRO A 395 0.35 18.07 -14.68
C PRO A 395 1.68 17.85 -13.99
N SER A 396 2.57 17.15 -14.71
CA SER A 396 3.98 17.11 -14.35
C SER A 396 4.47 18.49 -13.96
N LEU A 397 5.25 18.54 -12.87
CA LEU A 397 5.82 19.79 -12.35
C LEU A 397 6.85 20.37 -13.32
N VAL A 398 7.31 19.55 -14.26
CA VAL A 398 8.25 19.99 -15.28
C VAL A 398 7.64 19.98 -16.67
N VAL A 399 6.32 19.94 -16.73
CA VAL A 399 5.64 19.99 -18.03
C VAL A 399 6.20 21.14 -18.90
N GLU A 400 6.55 20.84 -20.14
CA GLU A 400 7.12 21.85 -21.04
C GLU A 400 6.11 22.90 -21.44
N GLU A 401 6.59 24.15 -21.57
CA GLU A 401 5.75 25.25 -22.02
C GLU A 401 4.99 24.87 -23.30
N ALA A 402 5.67 24.23 -24.23
CA ALA A 402 5.03 23.86 -25.50
C ALA A 402 3.82 22.94 -25.28
N ASP A 403 3.96 22.02 -24.32
CA ASP A 403 2.89 21.06 -24.00
C ASP A 403 1.73 21.75 -23.29
N ILE A 404 2.05 22.74 -22.45
CA ILE A 404 0.99 23.52 -21.81
C ILE A 404 0.15 24.22 -22.89
N HIS A 405 0.82 24.85 -23.85
CA HIS A 405 0.09 25.54 -24.91
C HIS A 405 -0.69 24.58 -25.74
N GLU A 406 -0.09 23.45 -26.12
CA GLU A 406 -0.78 22.49 -26.97
C GLU A 406 -1.98 21.87 -26.25
N GLY A 407 -1.78 21.45 -25.00
CA GLY A 407 -2.88 20.81 -24.28
C GLY A 407 -4.01 21.78 -24.01
N MET A 408 -3.66 23.04 -23.78
CA MET A 408 -4.68 24.05 -23.53
C MET A 408 -5.45 24.43 -24.82
N GLN A 409 -4.78 24.43 -25.98
CA GLN A 409 -5.52 24.66 -27.22
C GLN A 409 -6.45 23.50 -27.55
N ARG A 410 -5.99 22.27 -27.30
CA ARG A 410 -6.87 21.10 -27.37
C ARG A 410 -8.06 21.24 -26.42
N PHE A 411 -7.79 21.69 -25.20
CA PHE A 411 -8.87 21.82 -24.21
C PHE A 411 -9.88 22.88 -24.69
N ALA A 412 -9.37 23.95 -25.29
CA ALA A 412 -10.22 25.00 -25.89
C ALA A 412 -11.12 24.46 -27.00
N GLN A 413 -10.58 23.57 -27.84
CA GLN A 413 -11.39 22.90 -28.86
C GLN A 413 -12.49 22.08 -28.20
N ALA A 414 -12.16 21.41 -27.09
CA ALA A 414 -13.11 20.57 -26.37
C ALA A 414 -14.23 21.40 -25.78
N VAL A 415 -13.87 22.50 -25.14
CA VAL A 415 -14.85 23.45 -24.60
C VAL A 415 -15.75 23.98 -25.73
N GLY A 416 -15.14 24.35 -26.86
CA GLY A 416 -15.89 24.79 -28.03
C GLY A 416 -16.95 23.78 -28.44
N LYS A 417 -16.57 22.51 -28.51
CA LYS A 417 -17.52 21.45 -28.89
C LYS A 417 -18.69 21.33 -27.91
N VAL A 418 -18.43 21.42 -26.62
CA VAL A 418 -19.47 21.28 -25.60
C VAL A 418 -20.43 22.47 -25.69
N VAL A 419 -19.86 23.67 -25.73
CA VAL A 419 -20.67 24.89 -25.88
C VAL A 419 -21.50 24.88 -27.17
N ALA A 420 -20.94 24.32 -28.25
CA ALA A 420 -21.60 24.30 -29.56
C ALA A 420 -22.91 23.50 -29.61
N LEU A 421 -23.04 22.53 -28.72
CA LEU A 421 -24.27 21.72 -28.60
C LEU A 421 -25.47 22.55 -28.15
N GLU A 422 -25.19 23.77 -27.68
CA GLU A 422 -26.23 24.72 -27.31
C GLU A 422 -26.80 25.42 -28.55
N THR B 21 29.30 11.13 7.47
CA THR B 21 27.94 10.85 6.94
C THR B 21 27.80 9.43 6.38
N ALA B 22 28.63 8.49 6.86
CA ALA B 22 28.47 7.07 6.49
C ALA B 22 27.15 6.55 7.04
N ILE B 23 26.57 5.57 6.33
CA ILE B 23 25.32 4.96 6.76
C ILE B 23 25.60 3.68 7.56
N THR B 24 25.11 3.65 8.79
CA THR B 24 25.33 2.53 9.70
C THR B 24 24.03 2.13 10.37
N ARG B 25 24.04 1.03 11.12
CA ARG B 25 22.85 0.63 11.90
C ARG B 25 22.41 1.74 12.86
N ALA B 26 23.38 2.51 13.38
CA ALA B 26 23.06 3.67 14.22
C ALA B 26 22.20 4.71 13.48
N THR B 27 22.42 4.85 12.18
CA THR B 27 21.67 5.80 11.35
C THR B 27 20.17 5.48 11.40
N PHE B 28 19.83 4.21 11.48
CA PHE B 28 18.41 3.84 11.55
C PHE B 28 17.70 4.56 12.70
N ASP B 29 18.32 4.55 13.89
CA ASP B 29 17.72 5.16 15.08
C ASP B 29 17.54 6.67 14.95
N GLU B 30 18.36 7.29 14.11
CA GLU B 30 18.29 8.73 13.83
C GLU B 30 17.25 9.10 12.79
N VAL B 31 16.76 8.12 12.03
CA VAL B 31 15.96 8.44 10.84
C VAL B 31 14.55 7.86 10.82
N ILE B 32 14.42 6.60 11.21
CA ILE B 32 13.15 5.87 11.04
C ILE B 32 12.38 5.81 12.36
N LEU B 33 11.03 5.82 12.29
CA LEU B 33 10.23 5.60 13.50
C LEU B 33 10.68 4.31 14.16
N PRO B 34 10.71 4.31 15.51
CA PRO B 34 11.22 3.16 16.26
C PRO B 34 10.23 1.98 16.34
N VAL B 35 9.72 1.53 15.19
CA VAL B 35 8.77 0.42 15.14
C VAL B 35 9.44 -0.90 14.78
N TYR B 36 10.70 -0.81 14.35
CA TYR B 36 11.50 -1.98 14.02
C TYR B 36 12.78 -1.95 14.85
N ALA B 37 13.35 -3.14 15.07
CA ALA B 37 14.66 -3.27 15.68
C ALA B 37 15.52 -4.05 14.71
N PRO B 38 16.04 -3.38 13.67
CA PRO B 38 16.79 -4.05 12.60
C PRO B 38 18.07 -4.72 13.06
N ALA B 39 18.51 -5.71 12.28
CA ALA B 39 19.79 -6.38 12.50
C ALA B 39 20.95 -5.38 12.47
N ASP B 40 22.11 -5.78 13.03
CA ASP B 40 23.30 -4.92 13.10
C ASP B 40 24.03 -4.75 11.76
N PHE B 41 23.57 -5.47 10.74
CA PHE B 41 24.17 -5.40 9.41
C PHE B 41 23.12 -4.96 8.40
N ILE B 42 23.58 -4.35 7.32
CA ILE B 42 22.68 -3.78 6.31
C ILE B 42 22.93 -4.46 4.96
N PRO B 43 22.02 -5.35 4.54
CA PRO B 43 22.17 -5.97 3.21
C PRO B 43 22.11 -4.89 2.12
N VAL B 44 23.01 -4.96 1.14
CA VAL B 44 23.08 -3.94 0.10
C VAL B 44 22.93 -4.50 -1.31
N LYS B 45 23.12 -5.81 -1.43
CA LYS B 45 23.02 -6.47 -2.72
C LYS B 45 22.52 -7.89 -2.55
N GLY B 46 21.72 -8.35 -3.49
CA GLY B 46 21.27 -9.74 -3.50
C GLY B 46 21.26 -10.31 -4.92
N LYS B 47 21.51 -11.61 -4.98
CA LYS B 47 21.54 -12.35 -6.22
C LYS B 47 21.06 -13.75 -5.87
N GLY B 48 19.91 -14.16 -6.42
CA GLY B 48 19.36 -15.47 -6.12
C GLY B 48 19.06 -15.52 -4.63
N SER B 49 19.58 -16.55 -3.94
CA SER B 49 19.32 -16.71 -2.51
C SER B 49 20.54 -16.30 -1.69
N ARG B 50 21.38 -15.45 -2.26
CA ARG B 50 22.47 -14.85 -1.51
C ARG B 50 22.38 -13.33 -1.41
N VAL B 51 22.83 -12.84 -0.26
CA VAL B 51 22.79 -11.43 0.08
C VAL B 51 24.16 -11.02 0.66
N TRP B 52 24.60 -9.80 0.35
CA TRP B 52 25.83 -9.23 0.91
C TRP B 52 25.52 -7.97 1.63
N ASP B 53 26.19 -7.75 2.77
CA ASP B 53 26.02 -6.51 3.50
C ASP B 53 27.09 -5.49 3.10
N GLN B 54 27.15 -4.37 3.83
CA GLN B 54 28.08 -3.28 3.53
C GLN B 54 29.54 -3.69 3.65
N GLN B 55 29.81 -4.65 4.53
CA GLN B 55 31.16 -5.15 4.75
C GLN B 55 31.50 -6.28 3.78
N GLY B 56 30.55 -6.67 2.93
CA GLY B 56 30.76 -7.73 1.96
C GLY B 56 30.59 -9.13 2.53
N LYS B 57 30.05 -9.21 3.74
CA LYS B 57 29.73 -10.51 4.36
C LYS B 57 28.57 -11.13 3.59
N GLU B 58 28.69 -12.41 3.26
CA GLU B 58 27.69 -13.10 2.46
C GLU B 58 26.74 -13.90 3.34
N TYR B 59 25.45 -13.81 3.05
CA TYR B 59 24.43 -14.55 3.81
C TYR B 59 23.63 -15.41 2.86
N ILE B 60 23.27 -16.61 3.29
CA ILE B 60 22.34 -17.44 2.53
C ILE B 60 20.97 -17.05 3.05
N ASP B 61 20.05 -16.81 2.13
CA ASP B 61 18.75 -16.23 2.48
C ASP B 61 17.64 -17.27 2.53
N PHE B 62 17.33 -17.73 3.74
CA PHE B 62 16.18 -18.63 3.95
C PHE B 62 14.96 -17.88 4.48
N ALA B 63 15.03 -16.54 4.49
CA ALA B 63 13.96 -15.72 5.05
C ALA B 63 13.10 -15.13 3.93
N GLY B 64 13.73 -14.82 2.80
CA GLY B 64 12.98 -14.28 1.65
C GLY B 64 12.35 -12.93 1.96
N GLY B 65 12.90 -12.20 2.92
CA GLY B 65 12.30 -10.92 3.30
C GLY B 65 10.91 -11.17 3.84
N ILE B 66 10.77 -12.28 4.59
CA ILE B 66 9.50 -12.78 5.10
C ILE B 66 8.56 -13.30 3.99
N ALA B 67 9.06 -14.29 3.23
CA ALA B 67 8.27 -15.03 2.22
C ALA B 67 7.85 -14.17 1.04
N VAL B 68 8.64 -13.13 0.74
CA VAL B 68 8.32 -12.19 -0.31
C VAL B 68 9.12 -12.48 -1.60
N THR B 69 10.43 -12.61 -1.48
CA THR B 69 11.26 -12.84 -2.68
C THR B 69 11.18 -14.32 -3.08
N ALA B 70 10.02 -14.70 -3.62
CA ALA B 70 9.68 -16.10 -3.97
C ALA B 70 10.52 -16.60 -5.16
N LEU B 71 11.16 -15.67 -5.87
CA LEU B 71 12.10 -16.05 -6.94
C LEU B 71 13.53 -15.53 -6.67
N GLY B 72 13.82 -15.27 -5.39
CA GLY B 72 15.14 -14.75 -5.01
C GLY B 72 15.32 -13.29 -5.35
N HIS B 73 16.56 -12.82 -5.18
CA HIS B 73 16.88 -11.41 -5.45
C HIS B 73 17.29 -11.22 -6.87
N CYS B 74 16.75 -10.17 -7.49
CA CYS B 74 17.08 -9.77 -8.85
C CYS B 74 17.05 -10.95 -9.83
N HIS B 75 15.94 -11.69 -9.82
CA HIS B 75 15.76 -12.74 -10.82
C HIS B 75 15.76 -12.11 -12.19
N PRO B 76 16.54 -12.65 -13.15
CA PRO B 76 16.61 -11.99 -14.47
C PRO B 76 15.27 -11.72 -15.14
N ALA B 77 14.29 -12.59 -14.98
CA ALA B 77 12.99 -12.37 -15.63
C ALA B 77 12.24 -11.19 -15.03
N LEU B 78 12.38 -11.03 -13.72
CA LEU B 78 11.68 -9.98 -12.97
C LEU B 78 12.39 -8.66 -13.19
N VAL B 79 13.71 -8.70 -13.24
CA VAL B 79 14.48 -7.51 -13.56
C VAL B 79 14.12 -7.06 -14.98
N GLU B 80 14.05 -8.01 -15.91
CA GLU B 80 13.70 -7.67 -17.29
C GLU B 80 12.30 -7.06 -17.39
N ALA B 81 11.32 -7.62 -16.67
CA ALA B 81 9.96 -7.06 -16.70
C ALA B 81 9.96 -5.65 -16.12
N LEU B 82 10.68 -5.47 -15.01
CA LEU B 82 10.78 -4.17 -14.36
C LEU B 82 11.36 -3.12 -15.30
N LYS B 83 12.49 -3.45 -15.92
CA LYS B 83 13.20 -2.51 -16.78
C LYS B 83 12.40 -2.19 -18.05
N SER B 84 11.85 -3.23 -18.69
CA SER B 84 11.13 -3.02 -19.94
CA SER B 84 11.10 -3.07 -19.93
C SER B 84 9.85 -2.21 -19.73
N GLN B 85 9.03 -2.58 -18.73
CA GLN B 85 7.85 -1.77 -18.44
C GLN B 85 8.24 -0.38 -17.94
N GLY B 86 9.36 -0.30 -17.21
CA GLY B 86 9.90 0.98 -16.70
C GLY B 86 10.24 1.98 -17.78
N GLU B 87 10.52 1.49 -18.99
CA GLU B 87 10.78 2.36 -20.14
C GLU B 87 9.53 2.83 -20.85
N THR B 88 8.40 2.23 -20.50
CA THR B 88 7.18 2.36 -21.28
C THR B 88 6.09 3.17 -20.57
N LEU B 89 5.75 2.76 -19.35
CA LEU B 89 4.62 3.37 -18.64
C LEU B 89 4.61 2.84 -17.21
N TRP B 90 4.56 3.74 -16.23
CA TRP B 90 4.55 3.29 -14.83
C TRP B 90 3.18 3.37 -14.22
N HIS B 91 2.48 4.45 -14.54
CA HIS B 91 1.27 4.83 -13.82
C HIS B 91 0.34 5.67 -14.63
N THR B 92 -0.95 5.31 -14.66
CA THR B 92 -1.94 6.21 -15.28
C THR B 92 -3.20 6.51 -14.45
N SER B 93 -3.32 5.84 -13.31
CA SER B 93 -4.46 5.93 -12.39
C SER B 93 -5.64 5.11 -12.89
N ASN B 94 -6.58 4.88 -11.99
CA ASN B 94 -7.75 4.08 -12.34
C ASN B 94 -8.88 4.84 -13.03
N VAL B 95 -8.58 6.06 -13.46
CA VAL B 95 -9.36 6.75 -14.48
C VAL B 95 -9.27 5.89 -15.75
N PHE B 96 -8.27 5.01 -15.78
CA PHE B 96 -7.96 4.16 -16.92
C PHE B 96 -7.66 2.74 -16.50
N THR B 97 -7.81 1.81 -17.44
CA THR B 97 -7.25 0.50 -17.26
C THR B 97 -5.88 0.46 -17.99
N ASN B 98 -5.15 -0.66 -17.87
CA ASN B 98 -3.86 -0.81 -18.57
C ASN B 98 -3.60 -2.26 -18.98
N GLU B 99 -2.75 -2.46 -19.98
CA GLU B 99 -2.52 -3.82 -20.51
C GLU B 99 -1.92 -4.81 -19.51
N PRO B 100 -0.87 -4.40 -18.76
CA PRO B 100 -0.31 -5.37 -17.80
C PRO B 100 -1.32 -5.79 -16.72
N ALA B 101 -2.14 -4.86 -16.23
CA ALA B 101 -3.19 -5.21 -15.24
C ALA B 101 -4.18 -6.23 -15.81
N LEU B 102 -4.66 -5.96 -17.03
CA LEU B 102 -5.66 -6.83 -17.65
C LEU B 102 -5.06 -8.19 -18.00
N ARG B 103 -3.79 -8.21 -18.41
CA ARG B 103 -3.11 -9.49 -18.67
C ARG B 103 -2.93 -10.33 -17.40
N LEU B 104 -2.50 -9.67 -16.33
CA LEU B 104 -2.35 -10.33 -15.05
C LEU B 104 -3.68 -10.82 -14.50
N GLY B 105 -4.71 -9.98 -14.60
CA GLY B 105 -6.05 -10.34 -14.17
C GLY B 105 -6.54 -11.59 -14.88
N ARG B 106 -6.34 -11.63 -16.19
CA ARG B 106 -6.77 -12.77 -16.98
C ARG B 106 -6.09 -14.05 -16.51
N LYS B 107 -4.80 -13.94 -16.19
CA LYS B 107 -4.02 -15.08 -15.75
C LYS B 107 -4.51 -15.62 -14.40
N LEU B 108 -4.83 -14.70 -13.50
CA LEU B 108 -5.32 -15.13 -12.19
C LEU B 108 -6.69 -15.76 -12.31
N ILE B 109 -7.51 -15.20 -13.19
CA ILE B 109 -8.87 -15.65 -13.41
C ILE B 109 -8.82 -17.04 -14.05
N ASP B 110 -7.94 -17.21 -15.02
CA ASP B 110 -7.84 -18.50 -15.72
C ASP B 110 -7.38 -19.62 -14.77
N ALA B 111 -6.49 -19.28 -13.83
CA ALA B 111 -5.82 -20.26 -12.99
C ALA B 111 -6.53 -20.55 -11.66
N THR B 112 -7.54 -19.74 -11.31
CA THR B 112 -8.19 -19.90 -10.00
C THR B 112 -9.71 -19.84 -10.11
N PHE B 113 -10.39 -19.97 -8.96
CA PHE B 113 -11.85 -19.78 -8.88
C PHE B 113 -12.28 -18.35 -9.24
N ALA B 114 -11.35 -17.40 -9.25
CA ALA B 114 -11.72 -15.98 -9.39
C ALA B 114 -12.37 -15.71 -10.75
N GLU B 115 -13.33 -14.79 -10.75
CA GLU B 115 -13.90 -14.25 -12.00
C GLU B 115 -13.61 -12.74 -12.10
N ARG B 116 -13.29 -12.12 -10.97
CA ARG B 116 -12.94 -10.70 -10.96
C ARG B 116 -11.80 -10.45 -9.99
N VAL B 117 -10.97 -9.45 -10.27
CA VAL B 117 -9.85 -9.13 -9.38
C VAL B 117 -9.74 -7.62 -9.12
N LEU B 118 -9.18 -7.25 -7.99
CA LEU B 118 -8.76 -5.86 -7.78
C LEU B 118 -7.33 -5.90 -7.33
N PHE B 119 -6.50 -5.04 -7.93
CA PHE B 119 -5.10 -4.92 -7.53
C PHE B 119 -4.88 -3.78 -6.55
N MET B 120 -4.04 -4.02 -5.53
CA MET B 120 -3.69 -2.97 -4.58
C MET B 120 -2.19 -3.03 -4.37
N ASN B 121 -1.71 -2.42 -3.29
CA ASN B 121 -0.25 -2.32 -3.07
C ASN B 121 0.36 -3.24 -2.02
N SER B 122 -0.42 -3.56 -1.00
CA SER B 122 0.07 -4.32 0.12
C SER B 122 -0.97 -5.35 0.51
N GLY B 123 -0.56 -6.31 1.31
CA GLY B 123 -1.50 -7.32 1.82
C GLY B 123 -2.59 -6.67 2.66
N THR B 124 -2.19 -5.68 3.46
CA THR B 124 -3.13 -4.93 4.30
C THR B 124 -4.23 -4.35 3.43
N GLU B 125 -3.84 -3.72 2.32
CA GLU B 125 -4.82 -3.10 1.43
C GLU B 125 -5.73 -4.13 0.75
N ALA B 126 -5.17 -5.28 0.39
CA ALA B 126 -5.96 -6.37 -0.21
C ALA B 126 -7.00 -6.85 0.81
N ASN B 127 -6.56 -7.01 2.05
CA ASN B 127 -7.47 -7.43 3.12
C ASN B 127 -8.54 -6.38 3.41
N GLU B 128 -8.14 -5.10 3.47
CA GLU B 128 -9.12 -4.00 3.64
C GLU B 128 -10.21 -4.12 2.57
N THR B 129 -9.79 -4.34 1.32
CA THR B 129 -10.75 -4.48 0.22
C THR B 129 -11.68 -5.68 0.44
N ALA B 130 -11.08 -6.82 0.79
CA ALA B 130 -11.82 -8.04 1.06
C ALA B 130 -12.85 -7.87 2.18
N PHE B 131 -12.44 -7.24 3.28
CA PHE B 131 -13.32 -7.12 4.44
C PHE B 131 -14.42 -6.11 4.17
N LYS B 132 -14.08 -4.97 3.58
CA LYS B 132 -15.12 -4.02 3.15
C LYS B 132 -16.12 -4.66 2.18
N LEU B 133 -15.60 -5.44 1.24
CA LEU B 133 -16.48 -6.13 0.27
C LEU B 133 -17.41 -7.11 0.99
N ALA B 134 -16.89 -7.94 1.90
CA ALA B 134 -17.76 -8.87 2.62
C ALA B 134 -18.83 -8.11 3.42
N ARG B 135 -18.40 -7.02 4.07
CA ARG B 135 -19.35 -6.16 4.78
C ARG B 135 -20.40 -5.60 3.84
N HIS B 136 -19.97 -5.07 2.71
CA HIS B 136 -20.92 -4.35 1.86
C HIS B 136 -21.85 -5.30 1.15
N TYR B 137 -21.31 -6.44 0.72
CA TYR B 137 -22.15 -7.49 0.14
C TYR B 137 -23.26 -7.90 1.10
N ALA B 138 -22.94 -8.14 2.37
CA ALA B 138 -23.98 -8.46 3.37
C ALA B 138 -25.03 -7.34 3.50
N CSO B 139 -24.55 -6.10 3.52
CA CSO B 139 -25.44 -4.91 3.66
CB CSO B 139 -24.57 -3.65 3.76
SG CSO B 139 -25.44 -2.16 4.21
C CSO B 139 -26.41 -4.87 2.52
O CSO B 139 -27.64 -4.75 2.73
OD CSO B 139 -25.73 -1.37 2.67
N VAL B 140 -25.91 -5.04 1.29
CA VAL B 140 -26.78 -4.87 0.11
C VAL B 140 -27.66 -6.09 -0.17
N ARG B 141 -27.11 -7.28 0.05
CA ARG B 141 -27.84 -8.52 -0.27
C ARG B 141 -28.82 -8.98 0.80
N HIS B 142 -28.54 -8.62 2.06
CA HIS B 142 -29.26 -9.22 3.19
C HIS B 142 -29.79 -8.23 4.17
N SER B 143 -28.90 -7.50 4.83
CA SER B 143 -29.32 -6.62 5.91
C SER B 143 -28.17 -5.75 6.37
N PRO B 144 -28.44 -4.47 6.66
CA PRO B 144 -27.38 -3.63 7.24
C PRO B 144 -26.91 -4.09 8.62
N PHE B 145 -27.64 -5.03 9.23
CA PHE B 145 -27.24 -5.53 10.55
C PHE B 145 -26.39 -6.78 10.50
N LYS B 146 -26.18 -7.31 9.30
CA LYS B 146 -25.38 -8.52 9.12
C LYS B 146 -23.91 -8.13 9.04
N THR B 147 -23.30 -7.95 10.20
CA THR B 147 -22.00 -7.29 10.30
C THR B 147 -20.91 -8.12 11.00
N LYS B 148 -21.27 -9.23 11.65
CA LYS B 148 -20.27 -9.93 12.45
C LYS B 148 -19.19 -10.57 11.55
N ILE B 149 -17.94 -10.35 11.91
CA ILE B 149 -16.80 -11.02 11.28
C ILE B 149 -16.19 -11.97 12.30
N ILE B 150 -16.05 -13.24 11.91
CA ILE B 150 -15.34 -14.23 12.73
C ILE B 150 -13.91 -14.37 12.25
N ALA B 151 -12.97 -14.24 13.18
CA ALA B 151 -11.55 -14.42 12.89
C ALA B 151 -10.92 -15.23 14.02
N PHE B 152 -9.61 -15.42 13.97
CA PHE B 152 -8.98 -16.41 14.83
C PHE B 152 -7.85 -15.85 15.67
N HIS B 153 -7.75 -16.36 16.89
CA HIS B 153 -6.62 -16.02 17.75
C HIS B 153 -5.34 -16.27 17.02
N ASN B 154 -4.40 -15.35 17.20
CA ASN B 154 -3.07 -15.35 16.60
C ASN B 154 -3.04 -15.00 15.12
N ALA B 155 -4.20 -14.71 14.53
CA ALA B 155 -4.27 -14.31 13.12
C ALA B 155 -3.50 -13.03 12.91
N PHE B 156 -2.88 -12.90 11.73
CA PHE B 156 -2.32 -11.61 11.34
C PHE B 156 -2.85 -11.26 9.97
N HIS B 157 -3.45 -10.07 9.85
CA HIS B 157 -4.09 -9.64 8.61
C HIS B 157 -3.68 -8.29 8.13
N GLY B 158 -2.72 -7.67 8.83
CA GLY B 158 -2.21 -6.37 8.43
C GLY B 158 -2.19 -5.37 9.55
N ARG B 159 -1.79 -4.13 9.21
CA ARG B 159 -1.57 -3.09 10.22
C ARG B 159 -2.51 -1.91 10.20
N SER B 160 -3.45 -1.86 9.25
CA SER B 160 -4.46 -0.81 9.33
C SER B 160 -5.34 -1.05 10.57
N LEU B 161 -6.07 -0.02 11.00
CA LEU B 161 -6.85 -0.21 12.23
C LEU B 161 -7.88 -1.35 12.06
N PHE B 162 -8.51 -1.41 10.89
CA PHE B 162 -9.50 -2.45 10.63
C PHE B 162 -8.85 -3.81 10.53
N THR B 163 -7.79 -3.92 9.72
CA THR B 163 -7.18 -5.24 9.51
C THR B 163 -6.52 -5.76 10.78
N VAL B 164 -5.90 -4.89 11.56
CA VAL B 164 -5.23 -5.34 12.81
C VAL B 164 -6.28 -5.73 13.87
N SER B 165 -7.49 -5.19 13.76
CA SER B 165 -8.58 -5.57 14.65
C SER B 165 -9.18 -6.91 14.28
N VAL B 166 -9.16 -7.22 12.98
CA VAL B 166 -9.52 -8.56 12.50
C VAL B 166 -8.43 -9.55 12.87
N GLY B 167 -7.18 -9.10 12.79
CA GLY B 167 -6.05 -9.88 13.34
C GLY B 167 -6.33 -10.28 14.80
N GLY B 168 -5.68 -11.36 15.23
CA GLY B 168 -6.01 -11.99 16.52
C GLY B 168 -4.92 -11.85 17.57
N GLN B 169 -4.22 -10.71 17.55
CA GLN B 169 -3.14 -10.45 18.49
C GLN B 169 -3.41 -9.11 19.16
N PRO B 170 -4.06 -9.14 20.33
CA PRO B 170 -4.41 -7.88 21.00
C PRO B 170 -3.24 -6.92 21.21
N LYS B 171 -2.02 -7.43 21.41
CA LYS B 171 -0.84 -6.57 21.56
C LYS B 171 -0.65 -5.61 20.38
N TYR B 172 -1.09 -6.01 19.19
CA TYR B 172 -0.99 -5.16 18.02
C TYR B 172 -2.22 -4.27 17.79
N SER B 173 -3.38 -4.62 18.37
CA SER B 173 -4.59 -3.83 18.15
C SER B 173 -4.94 -2.89 19.31
N ASP B 174 -4.39 -3.15 20.50
CA ASP B 174 -4.57 -2.25 21.66
C ASP B 174 -3.89 -0.91 21.39
N GLY B 175 -4.50 0.15 21.89
CA GLY B 175 -3.79 1.42 22.05
C GLY B 175 -3.93 2.43 20.93
N PHE B 176 -4.92 2.26 20.06
CA PHE B 176 -5.14 3.16 18.92
C PHE B 176 -6.53 3.79 18.94
N GLY B 177 -7.16 3.77 20.10
CA GLY B 177 -8.53 4.29 20.20
C GLY B 177 -9.56 3.29 19.70
N PRO B 178 -10.82 3.73 19.56
CA PRO B 178 -11.90 2.80 19.32
C PRO B 178 -11.73 1.94 18.06
N LYS B 179 -11.71 0.62 18.27
CA LYS B 179 -11.56 -0.33 17.18
C LYS B 179 -12.84 -0.50 16.41
N PRO B 180 -12.74 -0.75 15.09
CA PRO B 180 -13.98 -1.07 14.38
C PRO B 180 -14.61 -2.33 15.00
N ALA B 181 -15.91 -2.28 15.25
CA ALA B 181 -16.58 -3.28 16.10
C ALA B 181 -17.07 -4.48 15.27
N ASP B 182 -17.72 -5.42 15.96
CA ASP B 182 -18.35 -6.59 15.34
C ASP B 182 -17.37 -7.61 14.75
N ILE B 183 -16.25 -7.79 15.46
CA ILE B 183 -15.23 -8.78 15.15
C ILE B 183 -15.12 -9.70 16.36
N ILE B 184 -15.31 -11.00 16.13
CA ILE B 184 -15.24 -12.00 17.18
C ILE B 184 -14.08 -12.95 16.90
N HIS B 185 -13.28 -13.25 17.93
CA HIS B 185 -12.15 -14.15 17.77
C HIS B 185 -12.31 -15.43 18.51
N VAL B 186 -12.03 -16.54 17.83
CA VAL B 186 -12.04 -17.85 18.45
C VAL B 186 -10.74 -18.58 18.10
N PRO B 187 -10.45 -19.73 18.74
CA PRO B 187 -9.19 -20.40 18.41
C PRO B 187 -9.14 -20.94 16.97
N PHE B 188 -7.99 -20.78 16.35
CA PHE B 188 -7.72 -21.39 15.04
C PHE B 188 -7.91 -22.91 15.17
N ASN B 189 -8.47 -23.52 14.11
CA ASN B 189 -8.74 -24.96 14.06
C ASN B 189 -9.83 -25.45 15.03
N ASP B 190 -10.57 -24.53 15.66
CA ASP B 190 -11.65 -24.94 16.56
C ASP B 190 -12.98 -24.72 15.85
N LEU B 191 -13.44 -25.75 15.12
CA LEU B 191 -14.69 -25.65 14.36
C LEU B 191 -15.92 -25.45 15.25
N HIS B 192 -15.95 -26.13 16.40
CA HIS B 192 -17.08 -25.96 17.33
C HIS B 192 -17.23 -24.53 17.76
N ALA B 193 -16.12 -23.88 18.05
CA ALA B 193 -16.13 -22.48 18.47
C ALA B 193 -16.72 -21.58 17.37
N VAL B 194 -16.39 -21.87 16.11
CA VAL B 194 -16.93 -21.10 14.98
C VAL B 194 -18.43 -21.32 14.87
N LYS B 195 -18.84 -22.58 14.98
CA LYS B 195 -20.27 -22.94 14.95
C LYS B 195 -21.04 -22.17 16.03
N ALA B 196 -20.45 -22.08 17.21
CA ALA B 196 -21.05 -21.43 18.38
C ALA B 196 -21.29 -19.94 18.19
N VAL B 197 -20.39 -19.24 17.49
CA VAL B 197 -20.51 -17.79 17.38
C VAL B 197 -21.25 -17.34 16.11
N MET B 198 -21.35 -18.20 15.11
CA MET B 198 -21.93 -17.79 13.83
C MET B 198 -23.45 -17.78 13.85
N ASP B 199 -24.02 -16.84 13.09
CA ASP B 199 -25.46 -16.68 13.01
C ASP B 199 -25.86 -15.91 11.76
N ASP B 200 -27.15 -15.65 11.61
CA ASP B 200 -27.64 -14.94 10.46
C ASP B 200 -27.16 -13.47 10.40
N HIS B 201 -26.60 -12.98 11.51
CA HIS B 201 -26.00 -11.64 11.54
C HIS B 201 -24.51 -11.67 11.23
N THR B 202 -24.01 -12.82 10.80
CA THR B 202 -22.58 -12.96 10.44
C THR B 202 -22.37 -12.73 8.95
N CYS B 203 -21.41 -11.86 8.61
CA CYS B 203 -21.13 -11.51 7.21
C CYS B 203 -19.91 -12.24 6.63
N ALA B 204 -19.02 -12.70 7.50
CA ALA B 204 -17.74 -13.26 7.04
C ALA B 204 -17.03 -14.08 8.08
N VAL B 205 -16.28 -15.07 7.58
CA VAL B 205 -15.26 -15.76 8.34
C VAL B 205 -13.97 -15.51 7.60
N VAL B 206 -12.98 -15.01 8.33
CA VAL B 206 -11.69 -14.64 7.75
C VAL B 206 -10.64 -15.57 8.33
N VAL B 207 -9.90 -16.25 7.45
CA VAL B 207 -8.96 -17.24 7.95
C VAL B 207 -7.70 -17.31 7.08
N GLU B 208 -6.55 -17.52 7.71
CA GLU B 208 -5.34 -17.90 6.97
C GLU B 208 -5.33 -19.42 6.85
N PRO B 209 -5.26 -19.97 5.62
CA PRO B 209 -5.27 -21.45 5.56
C PRO B 209 -4.11 -22.08 6.33
N ILE B 210 -2.95 -21.41 6.35
CA ILE B 210 -1.87 -21.72 7.30
C ILE B 210 -1.54 -20.43 8.06
N GLN B 211 -1.64 -20.43 9.38
CA GLN B 211 -1.31 -19.24 10.14
C GLN B 211 0.20 -19.11 10.16
N GLY B 212 0.71 -18.11 9.46
CA GLY B 212 2.15 -18.03 9.20
C GLY B 212 2.87 -17.42 10.39
N GLU B 213 2.24 -16.39 10.95
CA GLU B 213 2.77 -15.65 12.08
C GLU B 213 2.55 -16.47 13.36
N GLY B 214 1.33 -16.98 13.52
CA GLY B 214 0.95 -17.80 14.67
C GLY B 214 1.52 -19.22 14.75
N GLY B 215 2.83 -19.36 14.55
CA GLY B 215 3.49 -20.65 14.75
C GLY B 215 3.47 -21.61 13.59
N VAL B 216 3.13 -21.13 12.39
CA VAL B 216 3.06 -21.97 11.17
C VAL B 216 2.11 -23.15 11.40
N GLN B 217 0.86 -22.82 11.74
CA GLN B 217 -0.15 -23.83 12.00
C GLN B 217 -1.07 -23.98 10.80
N ALA B 218 -1.12 -25.18 10.22
CA ALA B 218 -1.99 -25.43 9.08
C ALA B 218 -3.41 -25.74 9.56
N ALA B 219 -4.40 -25.24 8.84
CA ALA B 219 -5.80 -25.63 9.07
C ALA B 219 -5.94 -27.12 8.82
N THR B 220 -6.74 -27.79 9.64
CA THR B 220 -7.05 -29.18 9.34
C THR B 220 -8.13 -29.21 8.23
N PRO B 221 -8.19 -30.31 7.46
CA PRO B 221 -9.21 -30.43 6.44
C PRO B 221 -10.62 -30.28 6.99
N GLU B 222 -10.91 -30.92 8.13
CA GLU B 222 -12.26 -30.88 8.71
C GLU B 222 -12.62 -29.44 9.08
N PHE B 223 -11.64 -28.70 9.61
CA PHE B 223 -11.87 -27.31 10.01
C PHE B 223 -12.19 -26.46 8.78
N LEU B 224 -11.34 -26.53 7.77
CA LEU B 224 -11.52 -25.68 6.61
C LEU B 224 -12.81 -26.00 5.83
N LYS B 225 -13.07 -27.28 5.61
CA LYS B 225 -14.33 -27.71 4.99
C LYS B 225 -15.53 -27.24 5.84
N GLY B 226 -15.36 -27.29 7.16
CA GLY B 226 -16.42 -26.88 8.08
C GLY B 226 -16.72 -25.39 7.97
N LEU B 227 -15.69 -24.57 7.77
CA LEU B 227 -15.90 -23.13 7.58
C LEU B 227 -16.72 -22.89 6.31
N ARG B 228 -16.41 -23.63 5.24
CA ARG B 228 -17.14 -23.52 3.99
C ARG B 228 -18.61 -23.86 4.21
N ASP B 229 -18.86 -24.94 4.95
CA ASP B 229 -20.23 -25.38 5.23
C ASP B 229 -21.02 -24.38 6.09
N LEU B 230 -20.36 -23.83 7.11
CA LEU B 230 -20.99 -22.86 7.98
C LEU B 230 -21.27 -21.53 7.26
N CYS B 231 -20.34 -21.10 6.40
CA CYS B 231 -20.58 -19.88 5.62
C CYS B 231 -21.76 -20.09 4.66
N ASP B 232 -21.88 -21.29 4.09
CA ASP B 232 -23.02 -21.63 3.23
C ASP B 232 -24.34 -21.54 4.01
N GLU B 233 -24.35 -22.15 5.19
CA GLU B 233 -25.53 -22.21 6.06
C GLU B 233 -26.01 -20.81 6.46
N HIS B 234 -25.06 -19.93 6.79
CA HIS B 234 -25.39 -18.61 7.36
C HIS B 234 -25.35 -17.51 6.34
N GLN B 235 -25.17 -17.85 5.07
CA GLN B 235 -25.02 -16.87 4.00
C GLN B 235 -23.94 -15.82 4.32
N ALA B 236 -22.83 -16.31 4.88
CA ALA B 236 -21.65 -15.50 5.15
C ALA B 236 -20.57 -15.81 4.09
N LEU B 237 -19.68 -14.86 3.85
CA LEU B 237 -18.58 -15.09 2.90
C LEU B 237 -17.32 -15.61 3.58
N LEU B 238 -16.76 -16.67 3.00
CA LEU B 238 -15.50 -17.23 3.46
C LEU B 238 -14.34 -16.49 2.78
N VAL B 239 -13.51 -15.84 3.60
CA VAL B 239 -12.38 -15.05 3.11
C VAL B 239 -11.08 -15.74 3.50
N PHE B 240 -10.28 -16.11 2.50
CA PHE B 240 -8.96 -16.72 2.74
C PHE B 240 -7.86 -15.67 2.58
N ASP B 241 -7.11 -15.44 3.64
CA ASP B 241 -5.97 -14.55 3.57
C ASP B 241 -4.79 -15.41 3.16
N GLU B 242 -4.46 -15.34 1.87
CA GLU B 242 -3.32 -16.10 1.34
C GLU B 242 -2.16 -15.17 1.03
N VAL B 243 -2.10 -14.05 1.74
CA VAL B 243 -0.97 -13.13 1.57
C VAL B 243 0.36 -13.85 1.72
N GLN B 244 0.49 -14.66 2.76
CA GLN B 244 1.73 -15.39 3.03
C GLN B 244 1.73 -16.75 2.34
N CYS B 245 0.62 -17.47 2.39
CA CYS B 245 0.64 -18.87 1.95
C CYS B 245 0.31 -19.07 0.48
N GLY B 246 -0.04 -17.98 -0.21
CA GLY B 246 -0.37 -18.08 -1.64
C GLY B 246 0.80 -17.90 -2.58
N MET B 247 0.47 -17.85 -3.88
CA MET B 247 1.43 -17.68 -4.95
C MET B 247 2.61 -18.65 -4.90
N GLY B 248 2.28 -19.93 -4.76
CA GLY B 248 3.26 -21.00 -4.88
C GLY B 248 3.89 -21.45 -3.59
N ARG B 249 3.71 -20.68 -2.52
CA ARG B 249 4.39 -20.95 -1.25
C ARG B 249 4.24 -22.38 -0.75
N THR B 250 3.03 -22.93 -0.88
CA THR B 250 2.74 -24.28 -0.37
C THR B 250 3.05 -25.36 -1.40
N GLY B 251 3.45 -24.97 -2.60
CA GLY B 251 3.66 -25.96 -3.67
C GLY B 251 2.45 -26.21 -4.54
N ASP B 252 1.34 -25.55 -4.21
CA ASP B 252 0.23 -25.34 -5.14
C ASP B 252 0.13 -23.84 -5.37
N LEU B 253 -0.53 -23.41 -6.45
CA LEU B 253 -0.56 -21.97 -6.71
C LEU B 253 -1.13 -21.22 -5.51
N PHE B 254 -2.22 -21.73 -4.97
CA PHE B 254 -2.79 -21.23 -3.71
C PHE B 254 -3.09 -22.40 -2.80
N ALA B 255 -3.01 -22.16 -1.50
CA ALA B 255 -3.22 -23.20 -0.52
C ALA B 255 -4.62 -23.80 -0.61
N TYR B 256 -5.60 -22.99 -1.00
CA TYR B 256 -6.97 -23.49 -1.09
C TYR B 256 -7.05 -24.68 -2.04
N MET B 257 -6.15 -24.70 -3.04
CA MET B 257 -6.15 -25.75 -4.05
C MET B 257 -5.68 -27.06 -3.46
N HIS B 258 -4.72 -26.98 -2.54
CA HIS B 258 -4.31 -28.17 -1.78
C HIS B 258 -5.47 -28.77 -1.01
N TYR B 259 -6.20 -27.92 -0.30
CA TYR B 259 -7.31 -28.34 0.54
C TYR B 259 -8.55 -28.72 -0.25
N GLY B 260 -8.72 -28.14 -1.44
CA GLY B 260 -9.95 -28.36 -2.19
C GLY B 260 -11.15 -27.73 -1.54
N VAL B 261 -10.94 -26.58 -0.89
CA VAL B 261 -12.01 -25.80 -0.31
C VAL B 261 -11.90 -24.43 -0.97
N THR B 262 -12.97 -24.03 -1.64
CA THR B 262 -12.93 -22.81 -2.46
C THR B 262 -13.57 -21.68 -1.64
N PRO B 263 -12.81 -20.60 -1.41
CA PRO B 263 -13.36 -19.49 -0.65
C PRO B 263 -14.21 -18.60 -1.56
N ASP B 264 -14.88 -17.63 -0.95
CA ASP B 264 -15.62 -16.63 -1.68
C ASP B 264 -14.73 -15.50 -2.12
N ILE B 265 -13.79 -15.14 -1.25
CA ILE B 265 -12.82 -14.08 -1.50
C ILE B 265 -11.45 -14.59 -1.06
N LEU B 266 -10.42 -14.24 -1.83
CA LEU B 266 -9.05 -14.63 -1.49
C LEU B 266 -8.14 -13.43 -1.68
N THR B 267 -7.18 -13.26 -0.78
CA THR B 267 -6.22 -12.16 -0.93
C THR B 267 -4.83 -12.70 -1.13
N SER B 268 -4.04 -11.97 -1.89
CA SER B 268 -2.68 -12.38 -2.27
C SER B 268 -1.77 -11.19 -2.22
N ALA B 269 -0.53 -11.39 -1.79
CA ALA B 269 0.48 -10.35 -1.87
C ALA B 269 1.82 -11.05 -1.79
N LYS B 270 2.77 -10.43 -1.09
CA LYS B 270 4.13 -10.97 -0.92
C LYS B 270 4.74 -11.56 -2.21
N ALA B 271 4.66 -12.88 -2.35
CA ALA B 271 5.25 -13.59 -3.50
C ALA B 271 4.69 -13.10 -4.83
N LEU B 272 3.46 -12.59 -4.81
CA LEU B 272 2.82 -12.16 -6.06
C LEU B 272 3.73 -11.33 -6.97
N GLY B 273 4.50 -10.41 -6.38
CA GLY B 273 5.35 -9.49 -7.16
C GLY B 273 6.83 -9.74 -6.98
N GLY B 274 7.15 -10.84 -6.30
CA GLY B 274 8.54 -11.23 -6.07
C GLY B 274 9.41 -10.20 -5.38
N GLY B 275 8.80 -9.27 -4.65
CA GLY B 275 9.53 -8.15 -4.04
C GLY B 275 8.98 -6.79 -4.41
N PHE B 276 8.24 -6.71 -5.50
CA PHE B 276 7.61 -5.46 -5.89
C PHE B 276 6.35 -5.25 -5.05
N PRO B 277 6.11 -4.01 -4.55
CA PRO B 277 4.85 -3.78 -3.82
C PRO B 277 3.61 -3.96 -4.70
N VAL B 278 2.94 -5.10 -4.53
CA VAL B 278 1.71 -5.39 -5.26
C VAL B 278 0.86 -6.34 -4.44
N SER B 279 -0.46 -6.29 -4.62
CA SER B 279 -1.34 -7.27 -3.99
C SER B 279 -2.61 -7.42 -4.83
N ALA B 280 -3.39 -8.45 -4.53
CA ALA B 280 -4.61 -8.68 -5.29
C ALA B 280 -5.72 -9.19 -4.40
N MET B 281 -6.95 -8.82 -4.71
CA MET B 281 -8.13 -9.40 -4.09
C MET B 281 -8.92 -10.12 -5.19
N LEU B 282 -9.24 -11.38 -4.94
CA LEU B 282 -9.87 -12.27 -5.93
C LEU B 282 -11.24 -12.67 -5.43
N THR B 283 -12.23 -12.56 -6.31
CA THR B 283 -13.58 -13.04 -5.98
C THR B 283 -14.39 -13.41 -7.22
N THR B 284 -15.67 -13.69 -7.03
CA THR B 284 -16.58 -14.04 -8.12
C THR B 284 -17.27 -12.78 -8.66
N GLN B 285 -17.89 -12.91 -9.84
CA GLN B 285 -18.65 -11.81 -10.41
C GLN B 285 -19.83 -11.44 -9.52
N GLU B 286 -20.54 -12.45 -9.02
CA GLU B 286 -21.73 -12.20 -8.21
C GLU B 286 -21.38 -11.35 -6.97
N ILE B 287 -20.25 -11.65 -6.33
CA ILE B 287 -19.85 -10.92 -5.12
C ILE B 287 -19.29 -9.54 -5.51
N ALA B 288 -18.48 -9.51 -6.56
CA ALA B 288 -17.89 -8.25 -7.07
C ALA B 288 -18.97 -7.23 -7.43
N SER B 289 -20.13 -7.73 -7.84
CA SER B 289 -21.23 -6.85 -8.28
C SER B 289 -21.88 -6.03 -7.16
N ALA B 290 -21.66 -6.45 -5.90
CA ALA B 290 -22.13 -5.67 -4.74
C ALA B 290 -21.40 -4.32 -4.63
N PHE B 291 -20.20 -4.24 -5.17
CA PHE B 291 -19.50 -2.97 -5.29
C PHE B 291 -20.04 -2.21 -6.50
N HIS B 292 -20.18 -0.89 -6.36
CA HIS B 292 -20.50 -0.04 -7.50
C HIS B 292 -19.34 0.90 -7.74
N VAL B 293 -19.45 1.75 -8.76
CA VAL B 293 -18.37 2.68 -9.08
C VAL B 293 -18.19 3.65 -7.90
N GLY B 294 -16.97 3.67 -7.36
CA GLY B 294 -16.63 4.53 -6.23
C GLY B 294 -16.77 3.87 -4.87
N SER B 295 -17.17 2.59 -4.84
CA SER B 295 -17.27 1.84 -3.57
C SER B 295 -15.89 1.68 -2.91
N HIS B 296 -14.88 1.48 -3.74
CA HIS B 296 -13.50 1.35 -3.28
C HIS B 296 -12.62 1.92 -4.36
N GLY B 297 -11.32 2.07 -4.07
CA GLY B 297 -10.38 2.65 -5.01
C GLY B 297 -8.97 2.66 -4.48
N SER B 298 -8.04 3.12 -5.32
CA SER B 298 -6.61 3.19 -5.00
C SER B 298 -5.92 4.06 -6.05
N THR B 299 -5.02 4.94 -5.60
CA THR B 299 -4.17 5.69 -6.53
C THR B 299 -3.25 4.72 -7.33
N TYR B 300 -2.40 4.00 -6.61
CA TYR B 300 -1.36 3.18 -7.21
C TYR B 300 -1.84 1.80 -7.64
N GLY B 301 -2.90 1.31 -6.98
CA GLY B 301 -3.33 -0.09 -7.17
C GLY B 301 -3.60 -0.42 -8.62
N GLY B 302 -2.93 -1.47 -9.10
CA GLY B 302 -3.17 -1.98 -10.46
C GLY B 302 -2.43 -1.16 -11.49
N ASN B 303 -1.34 -0.52 -11.10
CA ASN B 303 -0.50 0.22 -12.04
C ASN B 303 0.28 -0.75 -12.93
N PRO B 304 0.60 -0.30 -14.16
CA PRO B 304 1.18 -1.23 -15.12
C PRO B 304 2.58 -1.75 -14.76
N LEU B 305 3.35 -0.99 -13.99
CA LEU B 305 4.68 -1.47 -13.58
C LEU B 305 4.58 -2.67 -12.61
N ALA B 306 3.77 -2.52 -11.57
CA ALA B 306 3.58 -3.62 -10.62
C ALA B 306 3.02 -4.84 -11.33
N CYS B 307 2.07 -4.61 -12.22
CA CYS B 307 1.37 -5.70 -12.90
C CYS B 307 2.26 -6.40 -13.93
N ALA B 308 3.16 -5.66 -14.59
CA ALA B 308 4.15 -6.32 -15.45
C ALA B 308 5.08 -7.25 -14.66
N VAL B 309 5.59 -6.77 -13.53
CA VAL B 309 6.49 -7.57 -12.69
C VAL B 309 5.77 -8.80 -12.11
N ALA B 310 4.56 -8.60 -11.61
CA ALA B 310 3.78 -9.71 -11.04
C ALA B 310 3.41 -10.72 -12.14
N GLY B 311 3.18 -10.24 -13.36
CA GLY B 311 2.95 -11.13 -14.51
C GLY B 311 4.13 -12.07 -14.77
N ALA B 312 5.34 -11.50 -14.80
CA ALA B 312 6.56 -12.28 -14.96
C ALA B 312 6.75 -13.31 -13.86
N THR B 313 6.41 -12.91 -12.65
CA THR B 313 6.53 -13.76 -11.48
C THR B 313 5.55 -14.93 -11.63
N PHE B 314 4.29 -14.58 -11.91
CA PHE B 314 3.24 -15.58 -12.10
C PHE B 314 3.64 -16.60 -13.15
N ASP B 315 4.16 -16.13 -14.27
CA ASP B 315 4.53 -17.03 -15.37
C ASP B 315 5.59 -18.06 -14.98
N ILE B 316 6.44 -17.74 -14.01
CA ILE B 316 7.48 -18.67 -13.58
C ILE B 316 6.96 -19.60 -12.50
N ILE B 317 6.31 -19.02 -11.52
CA ILE B 317 5.80 -19.80 -10.40
C ILE B 317 4.74 -20.82 -10.85
N ASN B 318 3.81 -20.39 -11.68
CA ASN B 318 2.75 -21.29 -12.14
C ASN B 318 3.20 -22.18 -13.28
N THR B 319 4.20 -23.01 -13.01
CA THR B 319 4.63 -24.05 -13.97
C THR B 319 4.75 -25.36 -13.20
N PRO B 320 4.49 -26.49 -13.89
CA PRO B 320 4.53 -27.75 -13.17
C PRO B 320 5.89 -27.98 -12.53
N GLU B 321 6.95 -27.62 -13.25
CA GLU B 321 8.32 -27.89 -12.80
C GLU B 321 8.68 -27.09 -11.56
N VAL B 322 8.33 -25.81 -11.55
CA VAL B 322 8.61 -25.01 -10.35
C VAL B 322 7.78 -25.50 -9.17
N LEU B 323 6.50 -25.76 -9.40
CA LEU B 323 5.65 -26.28 -8.31
C LEU B 323 6.14 -27.64 -7.74
N GLN B 324 6.59 -28.55 -8.61
CA GLN B 324 7.17 -29.82 -8.14
C GLN B 324 8.45 -29.55 -7.34
N GLY B 325 9.26 -28.62 -7.85
CA GLY B 325 10.53 -28.26 -7.24
C GLY B 325 10.38 -27.79 -5.82
N ILE B 326 9.26 -27.13 -5.53
CA ILE B 326 8.98 -26.62 -4.18
C ILE B 326 8.92 -27.78 -3.18
N HIS B 327 8.32 -28.90 -3.59
CA HIS B 327 8.26 -30.08 -2.73
C HIS B 327 9.59 -30.76 -2.60
N THR B 328 10.35 -30.83 -3.69
CA THR B 328 11.70 -31.40 -3.64
C THR B 328 12.52 -30.65 -2.60
N LYS B 329 12.48 -29.33 -2.70
CA LYS B 329 13.28 -28.46 -1.87
C LYS B 329 12.80 -28.51 -0.41
N ARG B 330 11.49 -28.59 -0.18
CA ARG B 330 11.00 -28.72 1.17
C ARG B 330 11.66 -29.91 1.85
N GLN B 331 11.68 -31.06 1.17
CA GLN B 331 12.25 -32.23 1.79
C GLN B 331 13.76 -32.11 2.02
N GLN B 332 14.45 -31.38 1.16
CA GLN B 332 15.88 -31.08 1.38
C GLN B 332 16.07 -30.29 2.69
N PHE B 333 15.22 -29.28 2.93
CA PHE B 333 15.25 -28.55 4.20
C PHE B 333 14.89 -29.44 5.38
N VAL B 334 13.81 -30.20 5.22
CA VAL B 334 13.29 -31.04 6.31
C VAL B 334 14.33 -32.05 6.76
N GLN B 335 15.04 -32.62 5.79
CA GLN B 335 16.08 -33.59 6.12
C GLN B 335 17.20 -32.98 6.95
N HIS B 336 17.61 -31.77 6.61
CA HIS B 336 18.57 -31.03 7.43
C HIS B 336 18.04 -30.71 8.80
N LEU B 337 16.76 -30.32 8.89
CA LEU B 337 16.18 -29.99 10.19
C LEU B 337 16.10 -31.22 11.09
N GLN B 338 15.81 -32.38 10.50
CA GLN B 338 15.80 -33.62 11.25
C GLN B 338 17.21 -33.98 11.74
N ALA B 339 18.21 -33.82 10.87
CA ALA B 339 19.60 -34.08 11.24
C ALA B 339 20.05 -33.17 12.38
N ILE B 340 19.63 -31.90 12.32
CA ILE B 340 19.94 -30.95 13.39
C ILE B 340 19.28 -31.40 14.71
N ASP B 341 18.03 -31.85 14.62
CA ASP B 341 17.38 -32.37 15.82
C ASP B 341 18.03 -33.64 16.36
N GLU B 342 18.49 -34.53 15.48
CA GLU B 342 19.18 -35.74 15.93
C GLU B 342 20.47 -35.37 16.67
N GLN B 343 21.18 -34.35 16.20
CA GLN B 343 22.42 -33.95 16.85
C GLN B 343 22.21 -33.14 18.13
N PHE B 344 21.23 -32.24 18.12
CA PHE B 344 21.10 -31.25 19.18
C PHE B 344 19.82 -31.31 20.01
N ASP B 345 18.86 -32.13 19.58
CA ASP B 345 17.61 -32.34 20.34
C ASP B 345 16.96 -30.99 20.64
N ILE B 346 16.57 -30.25 19.61
CA ILE B 346 16.00 -28.92 19.80
C ILE B 346 14.58 -28.73 19.27
N PHE B 347 14.13 -29.62 18.38
CA PHE B 347 12.79 -29.48 17.77
C PHE B 347 11.78 -30.52 18.23
N SER B 348 10.54 -30.08 18.46
CA SER B 348 9.44 -30.99 18.76
C SER B 348 8.58 -31.28 17.54
N ASP B 349 8.58 -30.39 16.56
CA ASP B 349 7.67 -30.51 15.41
C ASP B 349 8.26 -29.77 14.23
N ILE B 350 8.11 -30.35 13.05
CA ILE B 350 8.47 -29.68 11.79
C ILE B 350 7.23 -29.72 10.92
N ARG B 351 6.72 -28.54 10.59
CA ARG B 351 5.41 -28.43 9.98
C ARG B 351 5.38 -27.35 8.90
N GLY B 352 4.18 -27.04 8.42
CA GLY B 352 3.97 -26.12 7.31
C GLY B 352 3.67 -26.87 6.03
N MET B 353 3.72 -26.17 4.90
CA MET B 353 3.51 -26.78 3.59
C MET B 353 4.47 -26.16 2.60
N GLY B 354 4.94 -26.96 1.64
CA GLY B 354 5.85 -26.49 0.61
C GLY B 354 7.03 -25.77 1.24
N LEU B 355 7.28 -24.54 0.78
CA LEU B 355 8.43 -23.80 1.30
C LEU B 355 8.05 -22.74 2.34
N LEU B 356 6.95 -23.00 3.05
CA LEU B 356 6.71 -22.36 4.34
C LEU B 356 6.97 -23.45 5.39
N ILE B 357 8.10 -23.34 6.08
CA ILE B 357 8.49 -24.38 7.03
C ILE B 357 8.53 -23.78 8.43
N GLY B 358 7.89 -24.47 9.37
CA GLY B 358 8.00 -24.12 10.78
C GLY B 358 8.68 -25.24 11.54
N ALA B 359 9.60 -24.89 12.43
CA ALA B 359 10.18 -25.91 13.29
C ALA B 359 10.04 -25.45 14.72
N GLU B 360 9.18 -26.15 15.48
CA GLU B 360 8.86 -25.74 16.85
C GLU B 360 9.94 -26.24 17.80
N LEU B 361 10.39 -25.35 18.68
CA LEU B 361 11.43 -25.68 19.66
C LEU B 361 10.86 -26.52 20.79
N LYS B 362 11.65 -27.48 21.29
CA LYS B 362 11.26 -28.28 22.45
C LYS B 362 11.07 -27.37 23.66
N PRO B 363 10.28 -27.80 24.67
CA PRO B 363 10.10 -26.99 25.87
C PRO B 363 11.40 -26.49 26.49
N LYS B 364 12.46 -27.30 26.45
CA LYS B 364 13.77 -26.89 26.94
C LYS B 364 14.20 -25.55 26.31
N TYR B 365 13.76 -25.29 25.08
CA TYR B 365 14.16 -24.09 24.37
C TYR B 365 13.01 -23.14 24.07
N LYS B 366 11.96 -23.24 24.86
CA LYS B 366 10.83 -22.32 24.78
C LYS B 366 11.30 -20.87 24.86
N GLY B 367 10.77 -20.01 23.99
CA GLY B 367 11.10 -18.59 24.00
C GLY B 367 12.43 -18.23 23.34
N ARG B 368 13.14 -19.21 22.78
CA ARG B 368 14.49 -18.98 22.24
C ARG B 368 14.59 -18.72 20.73
N ALA B 369 13.45 -18.66 20.03
CA ALA B 369 13.48 -18.54 18.55
C ALA B 369 14.33 -17.36 18.08
N ARG B 370 14.19 -16.21 18.74
CA ARG B 370 14.96 -15.00 18.38
C ARG B 370 16.47 -15.22 18.56
N ASP B 371 16.85 -16.04 19.53
CA ASP B 371 18.27 -16.31 19.79
C ASP B 371 18.91 -17.16 18.72
N PHE B 372 18.16 -18.15 18.24
CA PHE B 372 18.62 -19.00 17.13
C PHE B 372 18.70 -18.19 15.82
N LEU B 373 17.77 -17.25 15.65
CA LEU B 373 17.79 -16.37 14.49
C LEU B 373 19.05 -15.51 14.53
N TYR B 374 19.31 -14.90 15.70
CA TYR B 374 20.49 -14.07 15.87
C TYR B 374 21.77 -14.87 15.61
N ALA B 375 21.87 -16.07 16.21
CA ALA B 375 23.06 -16.91 15.99
C ALA B 375 23.18 -17.30 14.51
N GLY B 376 22.03 -17.52 13.85
CA GLY B 376 22.02 -17.86 12.42
C GLY B 376 22.67 -16.73 11.63
N ALA B 377 22.26 -15.49 11.93
CA ALA B 377 22.77 -14.34 11.19
C ALA B 377 24.27 -14.23 11.43
N GLU B 378 24.72 -14.40 12.68
CA GLU B 378 26.16 -14.42 12.95
C GLU B 378 26.88 -15.45 12.07
N ALA B 379 26.24 -16.60 11.87
CA ALA B 379 26.80 -17.71 11.08
C ALA B 379 26.61 -17.57 9.57
N GLY B 380 25.99 -16.48 9.14
CA GLY B 380 25.84 -16.19 7.71
C GLY B 380 24.60 -16.79 7.08
N VAL B 381 23.53 -16.97 7.87
CA VAL B 381 22.26 -17.48 7.31
C VAL B 381 21.09 -16.71 7.87
N MET B 382 20.19 -16.28 6.98
CA MET B 382 19.00 -15.55 7.39
C MET B 382 17.83 -16.51 7.55
N VAL B 383 17.27 -16.56 8.76
CA VAL B 383 16.06 -17.32 9.02
C VAL B 383 15.01 -16.42 9.66
N LEU B 384 13.83 -16.98 9.94
CA LEU B 384 12.72 -16.25 10.57
C LEU B 384 12.29 -16.92 11.88
N ASN B 385 11.37 -16.26 12.57
CA ASN B 385 10.63 -16.86 13.68
C ASN B 385 9.15 -16.84 13.32
N ALA B 386 8.35 -17.53 14.12
CA ALA B 386 6.90 -17.52 13.97
C ALA B 386 6.34 -17.57 15.38
N GLY B 387 6.49 -16.46 16.09
CA GLY B 387 6.34 -16.47 17.53
C GLY B 387 7.63 -16.92 18.19
N ALA B 388 7.67 -16.76 19.51
CA ALA B 388 8.91 -16.94 20.27
C ALA B 388 9.40 -18.39 20.37
N ASP B 389 8.56 -19.36 19.99
CA ASP B 389 8.89 -20.80 20.10
C ASP B 389 9.16 -21.52 18.78
N VAL B 390 9.05 -20.82 17.65
CA VAL B 390 9.07 -21.49 16.34
C VAL B 390 10.06 -20.83 15.37
N MET B 391 10.92 -21.65 14.77
CA MET B 391 11.79 -21.21 13.70
C MET B 391 11.00 -21.29 12.40
N ARG B 392 11.16 -20.29 11.53
CA ARG B 392 10.43 -20.26 10.26
C ARG B 392 11.40 -20.10 9.10
N PHE B 393 11.10 -20.78 7.98
CA PHE B 393 11.92 -20.74 6.77
C PHE B 393 10.98 -20.44 5.62
N ALA B 394 11.31 -19.44 4.80
CA ALA B 394 10.50 -19.09 3.65
C ALA B 394 11.41 -18.64 2.51
N PRO B 395 12.30 -19.56 2.06
CA PRO B 395 13.27 -19.23 1.01
C PRO B 395 12.60 -19.02 -0.33
N SER B 396 13.36 -18.50 -1.29
CA SER B 396 13.00 -18.52 -2.71
C SER B 396 12.45 -19.89 -3.10
N LEU B 397 11.35 -19.91 -3.86
CA LEU B 397 10.77 -21.14 -4.38
C LEU B 397 11.70 -21.85 -5.36
N VAL B 398 12.73 -21.15 -5.83
CA VAL B 398 13.70 -21.73 -6.75
C VAL B 398 15.10 -21.76 -6.12
N VAL B 399 15.16 -21.69 -4.79
CA VAL B 399 16.44 -21.80 -4.08
C VAL B 399 17.23 -23.03 -4.55
N GLU B 400 18.51 -22.83 -4.89
CA GLU B 400 19.35 -23.92 -5.38
CA GLU B 400 19.32 -23.94 -5.39
C GLU B 400 19.68 -24.93 -4.30
N GLU B 401 19.75 -26.21 -4.67
CA GLU B 401 20.09 -27.25 -3.71
C GLU B 401 21.38 -26.92 -2.96
N ALA B 402 22.38 -26.39 -3.67
CA ALA B 402 23.65 -26.03 -3.05
C ALA B 402 23.47 -24.99 -1.95
N ASP B 403 22.58 -24.01 -2.17
CA ASP B 403 22.27 -22.99 -1.17
C ASP B 403 21.56 -23.60 0.05
N ILE B 404 20.66 -24.55 -0.19
CA ILE B 404 19.98 -25.25 0.91
C ILE B 404 21.02 -25.95 1.80
N HIS B 405 21.94 -26.70 1.20
CA HIS B 405 22.93 -27.43 2.00
C HIS B 405 23.88 -26.49 2.70
N GLU B 406 24.43 -25.52 1.96
CA GLU B 406 25.33 -24.54 2.55
C GLU B 406 24.68 -23.76 3.72
N GLY B 407 23.49 -23.22 3.48
CA GLY B 407 22.79 -22.45 4.51
C GLY B 407 22.35 -23.28 5.71
N MET B 408 21.94 -24.51 5.48
CA MET B 408 21.56 -25.37 6.60
C MET B 408 22.76 -25.84 7.44
N GLN B 409 23.93 -25.95 6.82
CA GLN B 409 25.16 -26.22 7.57
C GLN B 409 25.54 -25.01 8.43
N ARG B 410 25.39 -23.79 7.89
CA ARG B 410 25.57 -22.59 8.69
C ARG B 410 24.59 -22.54 9.86
N PHE B 411 23.34 -22.92 9.59
CA PHE B 411 22.36 -22.92 10.67
C PHE B 411 22.70 -23.97 11.75
N ALA B 412 23.15 -25.14 11.32
CA ALA B 412 23.51 -26.19 12.28
C ALA B 412 24.69 -25.71 13.16
N GLN B 413 25.61 -24.98 12.56
CA GLN B 413 26.69 -24.35 13.31
C GLN B 413 26.17 -23.40 14.40
N ALA B 414 25.24 -22.51 14.01
CA ALA B 414 24.60 -21.57 14.94
C ALA B 414 23.89 -22.32 16.06
N VAL B 415 23.19 -23.40 15.74
CA VAL B 415 22.48 -24.15 16.76
C VAL B 415 23.50 -24.67 17.78
N GLY B 416 24.59 -25.23 17.25
CA GLY B 416 25.66 -25.82 18.06
C GLY B 416 26.26 -24.82 19.03
N LYS B 417 26.47 -23.59 18.54
CA LYS B 417 27.02 -22.52 19.36
C LYS B 417 26.06 -22.18 20.49
N VAL B 418 24.77 -22.03 20.15
CA VAL B 418 23.73 -21.70 21.11
C VAL B 418 23.58 -22.75 22.24
N VAL B 419 23.61 -24.03 21.87
CA VAL B 419 23.30 -25.08 22.86
C VAL B 419 24.55 -25.68 23.55
N ALA B 420 25.70 -25.03 23.36
CA ALA B 420 26.98 -25.51 23.89
C ALA B 420 27.01 -25.87 25.39
N LEU B 421 26.30 -25.13 26.23
CA LEU B 421 26.31 -25.40 27.68
C LEU B 421 25.20 -26.35 28.15
N GLU B 422 24.25 -26.64 27.26
CA GLU B 422 22.98 -27.27 27.63
C GLU B 422 23.00 -28.80 27.75
N1 PXG C . -5.21 11.64 0.96
C2 PXG C . -5.36 12.46 -0.08
C2A PXG C . -5.44 13.95 0.22
C3 PXG C . -5.41 11.93 -1.38
O3 PXG C . -5.54 12.69 -2.35
C5 PXG C . -5.16 9.74 -0.46
C6 PXG C . -5.12 10.33 0.80
C5A PXG C . -5.06 8.21 -0.47
OP4 PXG C . -3.90 7.84 -1.17
P PXG C . -3.86 6.44 -1.89
OP1 PXG C . -4.88 6.39 -2.99
OP2 PXG C . -2.32 6.31 -2.43
OP3 PXG C . -4.09 5.29 -0.90
C4 PXG C . -5.32 10.56 -1.59
C4A PXG C . -5.36 10.00 -3.01
C7 PXG C . -8.74 12.24 -6.26
C8 PXG C . -8.39 10.81 -5.82
O2 PXG C . -8.20 13.21 -5.68
C9 PXG C . -7.55 10.58 -4.73
C10 PXG C . -7.24 9.27 -4.35
C11 PXG C . -7.76 8.20 -5.06
C12 PXG C . -8.59 8.43 -6.14
C13 PXG C . -8.91 9.73 -6.53
O8 PXG C . -9.56 12.36 -7.19
N9 PXG C . -6.44 9.06 -3.30
C ACT D . -17.64 12.81 21.55
O ACT D . -17.65 12.09 22.58
OXT ACT D . -18.09 13.98 21.55
CH3 ACT D . -17.06 12.29 20.26
NA NA E . 14.28 18.39 10.07
N1 PXG F . -1.83 -11.20 6.07
C2 PXG F . -0.83 -12.04 6.29
C2A PXG F . -1.17 -13.52 6.56
C3 PXG F . 0.49 -11.58 6.29
O3 PXG F . 1.42 -12.37 6.49
C5 PXG F . -0.34 -9.36 5.82
C6 PXG F . -1.63 -9.89 5.86
C5A PXG F . -0.25 -7.84 5.55
OP4 PXG F . 0.52 -7.62 4.40
P PXG F . 1.37 -6.24 4.22
OP1 PXG F . 1.87 -6.30 2.74
OP2 PXG F . 0.40 -5.01 4.42
OP3 PXG F . 2.47 -6.22 5.23
C4 PXG F . 0.75 -10.22 6.03
C4A PXG F . 2.21 -9.70 6.00
C7 PXG F . 5.33 -12.03 9.36
C8 PXG F . 4.99 -10.59 8.96
O2 PXG F . 6.23 -12.16 10.21
C9 PXG F . 3.90 -10.32 8.16
C10 PXG F . 3.60 -8.99 7.82
C11 PXG F . 4.40 -7.94 8.28
C12 PXG F . 5.51 -8.20 9.09
C13 PXG F . 5.80 -9.53 9.43
O8 PXG F . 4.65 -12.97 8.86
N9 PXG F . 2.54 -8.73 7.03
C ACT G . -12.60 -9.05 19.89
O ACT G . -12.45 -10.27 19.61
OXT ACT G . -11.74 -8.20 19.61
CH3 ACT G . -13.88 -8.63 20.59
NA NA H . -11.67 -18.54 -12.77
#